data_8BBX
#
_entry.id   8BBX
#
_cell.length_a   102.170
_cell.length_b   156.206
_cell.length_c   193.400
_cell.angle_alpha   90.000
_cell.angle_beta   90.000
_cell.angle_gamma   90.000
#
_symmetry.space_group_name_H-M   'C 2 2 21'
#
loop_
_entity.id
_entity.type
_entity.pdbx_description
1 polymer 'Endoprotease endo-Pro'
2 branched 2-acetamido-2-deoxy-beta-D-glucopyranose-(1-4)-2-acetamido-2-deoxy-beta-D-glucopyranose
3 branched alpha-D-mannopyranose-(1-2)-alpha-D-mannopyranose-(1-2)-alpha-D-mannopyranose-(1-3)-[alpha-D-mannopyranose-(1-3)-alpha-D-mannopyranose-(1-3)-[alpha-D-mannopyranose-(1-6)]alpha-D-mannopyranose-(1-6)]beta-D-mannopyranose-(1-4)-2-acetamido-2-deoxy-beta-D-glucopyranose-(1-4)-2-acetamido-2-deoxy-beta-D-glucopyranose
4 branched alpha-D-mannopyranose-(1-2)-alpha-D-mannopyranose-(1-2)-alpha-D-mannopyranose-(1-3)-[alpha-D-mannopyranose-(1-3)-[alpha-D-mannopyranose-(1-6)]alpha-D-mannopyranose-(1-6)]beta-D-mannopyranose-(1-4)-2-acetamido-2-deoxy-beta-D-glucopyranose-(1-4)-2-acetamido-2-deoxy-beta-D-glucopyranose
5 non-polymer 'TETRAETHYLENE GLYCOL'
6 water water
#
_entity_poly.entity_id   1
_entity_poly.type   'polypeptide(L)'
_entity_poly.pdbx_seq_one_letter_code
;ATTGEAYFEQLLDHHNPEKGTFSQRYWWSTEYWGGPGSPVVLFTPGEVSADGYEGYLTNETLTGVYAQEIQGAVILIEHR
YWGDSSPYEVLNAETLQYLTLDQAILDMTYFAETVKLQFDNSTRSNAQNAPWVMVGGSYSGALTAWTESVAPGTFWAYHA
TSAPVEAIYDYWQYFYPIQQGMAQNCSKDVSLVAEYVDKIGKNGTAKEQQALKELFGLGAVEHFDDFAAVLPNGPYLWQD
NDFATGYSSFFQFCDAVEGVEAGAAVTPGPEGVGLEKALANYANWFNSTILPDYCASYGYWTDEWSVACFDSYNASSPIY
TDTSVGNAVDRQWEWFLCNEPFFYWQDGAPEGTSTIVPRLVSASYWQRQCPLYFPETNGYTYGSAKGKNAATVNSWTGGW
DMTRNTTRLIWTNGQYDPWRDSGVSSTFRPGGPLASTANEPVQIIPGGFHCSDLYMADYYANEGVKKVVDNEVKQIKEWV
EEYYA
;
_entity_poly.pdbx_strand_id   A,B
#
# COMPACT_ATOMS: atom_id res chain seq x y z
N THR A 2 15.08 45.09 -14.24
CA THR A 2 15.79 45.48 -13.02
C THR A 2 15.80 44.29 -12.02
N THR A 3 16.90 44.15 -11.27
CA THR A 3 17.10 43.06 -10.31
C THR A 3 17.50 43.58 -8.93
N GLY A 4 17.44 42.69 -7.95
CA GLY A 4 17.84 43.03 -6.59
C GLY A 4 17.98 41.81 -5.71
N GLU A 5 18.71 42.01 -4.61
CA GLU A 5 18.84 41.04 -3.53
C GLU A 5 18.23 41.63 -2.26
N ALA A 6 17.43 40.85 -1.53
CA ALA A 6 16.83 41.34 -0.29
C ALA A 6 16.87 40.23 0.76
N TYR A 7 16.45 40.58 1.98
CA TYR A 7 16.33 39.64 3.07
C TYR A 7 14.92 39.68 3.66
N PHE A 8 14.36 38.50 3.92
CA PHE A 8 13.05 38.33 4.51
C PHE A 8 13.20 37.72 5.89
N GLU A 9 12.50 38.26 6.89
CA GLU A 9 12.63 37.77 8.25
C GLU A 9 11.63 36.63 8.41
N GLN A 10 12.13 35.40 8.22
CA GLN A 10 11.33 34.19 8.19
C GLN A 10 11.08 33.71 9.61
N LEU A 11 9.89 33.16 9.85
CA LEU A 11 9.58 32.60 11.16
C LEU A 11 10.39 31.33 11.43
N LEU A 12 10.97 31.23 12.63
CA LEU A 12 11.71 30.01 12.95
C LEU A 12 10.78 28.82 13.12
N ASP A 13 9.64 29.00 13.78
CA ASP A 13 8.67 27.93 14.01
C ASP A 13 7.30 28.45 13.62
N HIS A 14 6.77 27.97 12.50
CA HIS A 14 5.51 28.51 12.00
C HIS A 14 4.33 28.19 12.91
N HIS A 15 4.47 27.21 13.79
CA HIS A 15 3.40 26.93 14.75
C HIS A 15 3.60 27.70 16.05
N ASN A 16 4.77 28.32 16.22
CA ASN A 16 5.10 29.16 17.38
C ASN A 16 5.86 30.41 16.90
N PRO A 17 5.13 31.37 16.21
CA PRO A 17 5.75 32.53 15.49
C PRO A 17 6.59 33.54 16.25
N GLU A 18 6.54 33.42 17.58
CA GLU A 18 7.08 34.17 18.72
C GLU A 18 8.32 33.55 19.40
N LYS A 19 8.78 32.35 18.98
CA LYS A 19 10.18 32.02 19.19
C LYS A 19 11.06 32.91 18.34
N GLY A 20 10.48 33.59 17.35
CA GLY A 20 11.14 34.69 16.69
C GLY A 20 11.44 34.41 15.24
N THR A 21 12.37 35.21 14.70
CA THR A 21 12.66 35.19 13.28
C THR A 21 14.10 34.74 13.01
N PHE A 22 14.38 34.59 11.72
CA PHE A 22 15.73 34.50 11.19
C PHE A 22 15.72 35.07 9.77
N SER A 23 16.89 35.48 9.30
CA SER A 23 16.99 36.14 8.02
C SER A 23 17.24 35.14 6.88
N GLN A 24 16.41 35.21 5.83
CA GLN A 24 16.45 34.34 4.65
C GLN A 24 16.74 35.17 3.39
N ARG A 25 17.71 34.71 2.59
CA ARG A 25 18.23 35.46 1.44
C ARG A 25 17.41 35.22 0.19
N TYR A 26 17.02 36.29 -0.52
CA TYR A 26 16.29 36.07 -1.76
C TYR A 26 16.63 37.16 -2.77
N TRP A 27 16.43 36.79 -4.04
CA TRP A 27 16.76 37.57 -5.23
C TRP A 27 15.54 37.65 -6.11
N TRP A 28 15.48 38.69 -6.93
CA TRP A 28 14.31 38.89 -7.77
C TRP A 28 14.71 39.62 -9.04
N SER A 29 13.99 39.35 -10.12
CA SER A 29 14.08 40.11 -11.35
C SER A 29 12.68 40.48 -11.81
N THR A 30 12.47 41.75 -12.14
CA THR A 30 11.23 42.19 -12.77
C THR A 30 11.38 42.31 -14.28
N GLU A 31 12.43 41.70 -14.82
CA GLU A 31 12.80 41.88 -16.22
C GLU A 31 11.59 41.77 -17.15
N TYR A 32 10.69 40.82 -16.87
CA TYR A 32 9.50 40.59 -17.67
C TYR A 32 8.22 40.92 -16.91
N TRP A 33 8.34 41.65 -15.79
CA TRP A 33 7.20 41.92 -14.93
C TRP A 33 6.25 42.91 -15.61
N GLY A 34 4.95 42.65 -15.50
CA GLY A 34 3.91 43.49 -16.05
C GLY A 34 3.30 44.55 -15.15
N GLY A 35 3.81 44.76 -13.94
CA GLY A 35 3.23 45.72 -13.02
C GLY A 35 2.32 45.07 -11.99
N PRO A 36 1.78 45.88 -11.06
CA PRO A 36 1.01 45.32 -9.93
C PRO A 36 -0.14 44.41 -10.36
N GLY A 37 -0.25 43.27 -9.69
CA GLY A 37 -1.24 42.27 -10.02
C GLY A 37 -0.73 41.23 -10.99
N SER A 38 0.45 41.44 -11.55
CA SER A 38 1.03 40.50 -12.49
C SER A 38 1.61 39.32 -11.75
N PRO A 39 1.80 38.18 -12.43
CA PRO A 39 2.19 36.96 -11.72
C PRO A 39 3.58 37.06 -11.13
N VAL A 40 3.88 36.11 -10.24
CA VAL A 40 5.20 35.95 -9.65
C VAL A 40 5.59 34.48 -9.74
N VAL A 41 6.78 34.19 -10.24
CA VAL A 41 7.29 32.83 -10.34
C VAL A 41 8.33 32.63 -9.24
N LEU A 42 8.09 31.65 -8.37
CA LEU A 42 8.88 31.41 -7.18
C LEU A 42 9.68 30.12 -7.32
N PHE A 43 10.97 30.18 -7.05
CA PHE A 43 11.83 29.02 -7.20
C PHE A 43 12.80 28.93 -6.02
N THR A 44 13.08 27.72 -5.56
CA THR A 44 14.18 27.55 -4.63
C THR A 44 15.13 26.48 -5.17
N PRO A 45 16.44 26.69 -5.08
CA PRO A 45 17.37 25.62 -5.48
C PRO A 45 17.21 24.36 -4.64
N GLY A 46 16.72 24.51 -3.40
CA GLY A 46 16.49 23.35 -2.53
C GLY A 46 17.67 23.11 -1.62
N GLU A 47 18.17 21.88 -1.64
CA GLU A 47 19.18 21.39 -0.69
C GLU A 47 20.59 21.97 -0.88
N VAL A 48 20.72 23.26 -1.19
CA VAL A 48 22.01 23.80 -1.58
C VAL A 48 21.99 25.30 -1.35
N SER A 49 23.17 25.85 -1.03
CA SER A 49 23.33 27.31 -1.03
C SER A 49 22.88 27.91 -2.36
N ALA A 50 22.30 29.11 -2.28
CA ALA A 50 21.81 29.78 -3.48
C ALA A 50 22.91 30.52 -4.23
N ASP A 51 24.15 30.54 -3.70
CA ASP A 51 25.31 31.06 -4.43
C ASP A 51 25.43 30.43 -5.82
N GLY A 52 25.46 31.27 -6.85
CA GLY A 52 25.66 30.80 -8.21
C GLY A 52 24.43 30.33 -8.95
N TYR A 53 23.24 30.45 -8.36
CA TYR A 53 22.01 30.08 -9.02
C TYR A 53 21.35 31.26 -9.73
N GLU A 54 22.11 32.34 -9.98
CA GLU A 54 21.52 33.56 -10.53
C GLU A 54 20.84 33.33 -11.87
N GLY A 55 21.25 32.29 -12.61
CA GLY A 55 20.61 32.02 -13.88
C GLY A 55 19.14 31.64 -13.80
N TYR A 56 18.64 31.27 -12.63
CA TYR A 56 17.21 30.93 -12.63
C TYR A 56 16.30 32.15 -12.69
N LEU A 57 16.86 33.36 -12.57
CA LEU A 57 16.11 34.58 -12.85
C LEU A 57 15.98 34.86 -14.34
N THR A 58 16.59 34.05 -15.20
CA THR A 58 16.85 34.33 -16.61
C THR A 58 15.99 33.41 -17.47
N ASN A 59 15.77 33.80 -18.73
CA ASN A 59 15.11 32.86 -19.64
C ASN A 59 16.08 31.86 -20.26
N GLU A 60 17.29 31.73 -19.76
CA GLU A 60 18.01 30.51 -20.05
C GLU A 60 17.59 29.30 -19.24
N THR A 61 16.72 29.51 -18.27
CA THR A 61 16.16 28.45 -17.46
C THR A 61 14.65 28.49 -17.59
N LEU A 62 14.03 27.32 -17.38
CA LEU A 62 12.58 27.20 -17.46
C LEU A 62 11.86 28.27 -16.62
N THR A 63 12.47 28.71 -15.50
CA THR A 63 11.80 29.64 -14.59
C THR A 63 11.57 31.01 -15.24
N GLY A 64 12.60 31.55 -15.92
CA GLY A 64 12.45 32.81 -16.64
C GLY A 64 11.55 32.69 -17.86
N VAL A 65 11.72 31.61 -18.62
CA VAL A 65 10.85 31.31 -19.76
C VAL A 65 9.40 31.38 -19.32
N TYR A 66 9.09 30.82 -18.17
CA TYR A 66 7.76 30.94 -17.58
C TYR A 66 7.37 32.40 -17.39
N ALA A 67 8.25 33.19 -16.77
CA ALA A 67 7.95 34.58 -16.47
C ALA A 67 7.76 35.39 -17.75
N GLN A 68 8.62 35.16 -18.75
CA GLN A 68 8.50 35.87 -20.02
C GLN A 68 7.12 35.64 -20.64
N GLU A 69 6.60 34.42 -20.56
CA GLU A 69 5.37 34.14 -21.28
C GLU A 69 4.14 34.62 -20.54
N ILE A 70 4.22 34.77 -19.22
CA ILE A 70 3.08 35.19 -18.41
C ILE A 70 3.28 36.59 -17.87
N GLN A 71 4.41 37.23 -18.19
CA GLN A 71 4.70 38.60 -17.79
C GLN A 71 4.66 38.76 -16.28
N GLY A 72 5.38 37.88 -15.60
CA GLY A 72 5.49 37.91 -14.16
C GLY A 72 6.93 38.21 -13.78
N ALA A 73 7.13 38.50 -12.50
CA ALA A 73 8.48 38.61 -11.97
C ALA A 73 8.98 37.21 -11.57
N VAL A 74 10.28 37.08 -11.33
CA VAL A 74 10.83 35.84 -10.77
C VAL A 74 11.55 36.17 -9.49
N ILE A 75 11.40 35.29 -8.51
CA ILE A 75 12.09 35.38 -7.22
C ILE A 75 12.74 34.03 -6.94
N LEU A 76 14.04 34.05 -6.67
CA LEU A 76 14.76 32.89 -6.19
C LEU A 76 14.91 33.02 -4.68
N ILE A 77 14.38 32.05 -3.94
CA ILE A 77 14.42 32.05 -2.47
C ILE A 77 15.35 30.96 -1.98
N GLU A 78 16.27 31.32 -1.10
CA GLU A 78 17.19 30.35 -0.53
C GLU A 78 16.50 29.54 0.57
N HIS A 79 16.62 28.21 0.49
CA HIS A 79 16.01 27.32 1.49
C HIS A 79 16.61 27.57 2.86
N ARG A 80 15.80 27.45 3.89
CA ARG A 80 16.29 27.64 5.25
C ARG A 80 17.44 26.67 5.53
N TYR A 81 18.43 27.13 6.32
CA TYR A 81 19.59 26.36 6.78
C TYR A 81 20.65 26.21 5.71
N TRP A 82 20.52 26.84 4.56
CA TRP A 82 21.58 26.80 3.57
C TRP A 82 22.09 28.21 3.31
N GLY A 83 23.38 28.30 2.97
CA GLY A 83 23.95 29.56 2.53
C GLY A 83 23.89 30.62 3.62
N ASP A 84 23.20 31.72 3.31
CA ASP A 84 23.04 32.82 4.24
C ASP A 84 21.72 32.76 4.99
N SER A 85 21.07 31.60 5.01
CA SER A 85 19.71 31.50 5.51
C SER A 85 19.61 30.51 6.67
N SER A 86 20.72 30.32 7.40
CA SER A 86 20.49 29.44 8.52
C SER A 86 20.16 30.22 9.79
N PRO A 87 19.23 29.73 10.59
CA PRO A 87 18.98 30.36 11.90
C PRO A 87 20.06 30.06 12.93
N TYR A 88 20.96 29.11 12.67
CA TYR A 88 22.03 28.74 13.59
C TYR A 88 23.33 28.61 12.80
N GLU A 89 24.47 28.80 13.47
CA GLU A 89 25.76 28.63 12.82
C GLU A 89 26.40 27.28 13.15
N VAL A 90 25.76 26.48 13.98
CA VAL A 90 26.17 25.12 14.27
C VAL A 90 24.99 24.19 14.10
N LEU A 91 25.15 23.14 13.30
CA LEU A 91 24.06 22.23 12.95
C LEU A 91 24.27 20.87 13.61
N ASN A 92 23.53 20.63 14.69
CA ASN A 92 23.48 19.36 15.37
C ASN A 92 22.02 18.99 15.58
N ALA A 93 21.80 17.86 16.26
CA ALA A 93 20.45 17.32 16.45
C ALA A 93 19.54 18.26 17.25
N GLU A 94 20.11 19.14 18.08
CA GLU A 94 19.32 20.17 18.76
C GLU A 94 18.90 21.29 17.80
N THR A 95 19.89 22.01 17.22
CA THR A 95 19.60 23.17 16.36
C THR A 95 18.88 22.76 15.08
N LEU A 96 19.11 21.55 14.58
CA LEU A 96 18.44 21.18 13.35
C LEU A 96 16.95 20.84 13.55
N GLN A 97 16.42 20.98 14.75
CA GLN A 97 15.05 20.57 15.00
C GLN A 97 14.03 21.33 14.15
N TYR A 98 14.37 22.55 13.67
CA TYR A 98 13.44 23.35 12.88
C TYR A 98 13.65 23.19 11.37
N LEU A 99 14.60 22.35 10.94
CA LEU A 99 14.78 22.02 9.53
C LEU A 99 13.88 20.82 9.23
N THR A 100 12.64 21.13 8.86
CA THR A 100 11.58 20.17 8.71
C THR A 100 10.80 20.49 7.44
N LEU A 101 10.30 19.43 6.78
CA LEU A 101 9.46 19.61 5.59
C LEU A 101 8.23 20.45 5.93
N ASP A 102 7.65 20.23 7.10
CA ASP A 102 6.55 21.05 7.55
C ASP A 102 6.93 22.53 7.58
N GLN A 103 8.12 22.85 8.11
CA GLN A 103 8.57 24.24 8.16
C GLN A 103 8.94 24.77 6.78
N ALA A 104 9.64 23.96 5.98
CA ALA A 104 9.96 24.40 4.62
C ALA A 104 8.71 24.73 3.83
N ILE A 105 7.63 23.96 4.00
CA ILE A 105 6.43 24.20 3.22
C ILE A 105 5.76 25.52 3.63
N LEU A 106 5.54 25.71 4.93
CA LEU A 106 5.01 26.99 5.41
C LEU A 106 5.97 28.15 5.20
N ASP A 107 7.25 27.88 4.95
CA ASP A 107 8.18 28.95 4.59
C ASP A 107 7.75 29.63 3.29
N MET A 108 7.37 28.85 2.28
CA MET A 108 7.03 29.42 0.99
C MET A 108 5.68 30.13 1.03
N THR A 109 4.68 29.53 1.67
CA THR A 109 3.36 30.15 1.68
C THR A 109 3.39 31.44 2.47
N TYR A 110 4.05 31.41 3.63
CA TYR A 110 4.23 32.62 4.41
C TYR A 110 4.98 33.68 3.60
N PHE A 111 6.09 33.29 2.95
CA PHE A 111 6.84 34.26 2.16
C PHE A 111 5.95 34.90 1.09
N ALA A 112 5.28 34.08 0.27
CA ALA A 112 4.45 34.63 -0.81
C ALA A 112 3.31 35.52 -0.27
N GLU A 113 2.87 35.29 0.96
CA GLU A 113 1.70 35.99 1.47
C GLU A 113 2.03 37.26 2.24
N THR A 114 3.31 37.50 2.53
CA THR A 114 3.71 38.42 3.57
C THR A 114 4.95 39.25 3.25
N VAL A 115 5.76 38.87 2.26
CA VAL A 115 6.97 39.62 1.96
C VAL A 115 6.59 40.98 1.41
N LYS A 116 7.31 42.00 1.86
CA LYS A 116 7.17 43.37 1.38
C LYS A 116 8.21 43.55 0.27
N LEU A 117 7.77 43.43 -0.98
CA LEU A 117 8.67 43.48 -2.11
C LEU A 117 9.11 44.90 -2.46
N GLN A 118 10.41 45.04 -2.77
CA GLN A 118 10.95 46.35 -3.10
C GLN A 118 10.36 46.91 -4.40
N PHE A 119 10.02 46.05 -5.36
CA PHE A 119 9.41 46.53 -6.61
C PHE A 119 7.90 46.70 -6.50
N ASP A 120 7.31 46.52 -5.32
CA ASP A 120 5.89 46.76 -5.12
C ASP A 120 5.54 46.77 -3.64
N ASN A 121 5.65 47.94 -3.00
CA ASN A 121 5.31 48.05 -1.59
C ASN A 121 3.81 47.79 -1.34
N SER A 122 2.95 48.06 -2.33
CA SER A 122 1.55 47.67 -2.19
C SER A 122 1.43 46.17 -1.94
N THR A 123 0.29 45.78 -1.38
CA THR A 123 0.00 44.35 -1.30
C THR A 123 -0.40 43.74 -2.64
N ARG A 124 -0.38 44.49 -3.75
CA ARG A 124 -1.13 44.00 -4.90
C ARG A 124 -0.37 42.97 -5.74
N SER A 125 0.85 42.60 -5.36
CA SER A 125 1.53 41.48 -6.01
C SER A 125 1.94 40.37 -5.03
N ASN A 126 1.31 40.32 -3.86
CA ASN A 126 1.42 39.19 -2.95
C ASN A 126 0.36 38.15 -3.33
N ALA A 127 0.54 36.93 -2.81
CA ALA A 127 -0.21 35.79 -3.32
C ALA A 127 -1.73 35.90 -3.08
N GLN A 128 -2.18 36.80 -2.20
CA GLN A 128 -3.61 36.95 -1.99
C GLN A 128 -4.29 37.70 -3.13
N ASN A 129 -3.55 38.54 -3.87
CA ASN A 129 -4.11 39.41 -4.91
C ASN A 129 -3.46 39.20 -6.27
N ALA A 130 -2.60 38.20 -6.42
CA ALA A 130 -1.91 37.99 -7.67
C ALA A 130 -1.58 36.50 -7.76
N PRO A 131 -1.55 35.93 -8.97
CA PRO A 131 -1.27 34.49 -9.11
C PRO A 131 0.22 34.19 -8.97
N TRP A 132 0.58 33.33 -8.02
CA TRP A 132 1.98 32.91 -7.82
C TRP A 132 2.21 31.48 -8.32
N VAL A 133 3.26 31.29 -9.11
CA VAL A 133 3.57 29.99 -9.71
C VAL A 133 4.81 29.42 -9.05
N MET A 134 4.65 28.26 -8.40
CA MET A 134 5.77 27.58 -7.76
C MET A 134 6.37 26.57 -8.72
N VAL A 135 7.68 26.67 -8.93
CA VAL A 135 8.39 25.75 -9.81
C VAL A 135 9.59 25.18 -9.07
N GLY A 136 9.85 23.91 -9.30
CA GLY A 136 10.93 23.25 -8.59
C GLY A 136 11.28 21.96 -9.29
N GLY A 137 12.55 21.60 -9.20
CA GLY A 137 13.02 20.33 -9.70
C GLY A 137 13.84 19.66 -8.60
N SER A 138 13.97 18.34 -8.74
CA SER A 138 14.57 17.47 -7.71
C SER A 138 13.84 17.68 -6.37
N TYR A 139 14.55 17.88 -5.25
CA TYR A 139 13.83 17.99 -3.99
C TYR A 139 12.91 19.22 -3.99
N SER A 140 13.34 20.30 -4.64
CA SER A 140 12.51 21.50 -4.70
C SER A 140 11.22 21.24 -5.44
N GLY A 141 11.22 20.22 -6.31
CA GLY A 141 10.04 19.82 -7.02
C GLY A 141 9.13 19.04 -6.10
N ALA A 142 9.71 18.15 -5.28
CA ALA A 142 8.90 17.49 -4.26
C ALA A 142 8.35 18.52 -3.27
N LEU A 143 9.15 19.54 -2.95
CA LEU A 143 8.66 20.62 -2.11
C LEU A 143 7.49 21.36 -2.77
N THR A 144 7.61 21.65 -4.08
CA THR A 144 6.49 22.26 -4.80
C THR A 144 5.23 21.40 -4.72
N ALA A 145 5.34 20.14 -5.12
CA ALA A 145 4.18 19.25 -5.06
C ALA A 145 3.65 19.10 -3.63
N TRP A 146 4.52 18.94 -2.64
CA TRP A 146 3.99 18.67 -1.30
C TRP A 146 3.25 19.88 -0.77
N THR A 147 3.69 21.09 -1.13
CA THR A 147 2.95 22.30 -0.80
C THR A 147 1.55 22.29 -1.40
N GLU A 148 1.43 21.87 -2.67
CA GLU A 148 0.11 21.70 -3.27
C GLU A 148 -0.74 20.70 -2.48
N SER A 149 -0.10 19.66 -1.93
CA SER A 149 -0.80 18.62 -1.19
C SER A 149 -1.22 19.10 0.20
N VAL A 150 -0.33 19.82 0.89
CA VAL A 150 -0.42 20.00 2.32
C VAL A 150 -0.97 21.38 2.68
N ALA A 151 -0.63 22.39 1.88
CA ALA A 151 -1.08 23.77 2.11
C ALA A 151 -1.64 24.37 0.82
N PRO A 152 -2.72 23.78 0.27
CA PRO A 152 -3.08 24.10 -1.11
C PRO A 152 -3.42 25.56 -1.42
N GLY A 153 -3.92 26.36 -0.48
CA GLY A 153 -4.57 27.57 -0.99
C GLY A 153 -3.82 28.89 -1.26
N THR A 154 -2.50 28.90 -1.30
CA THR A 154 -1.76 30.15 -1.45
C THR A 154 -1.29 30.33 -2.89
N PHE A 155 -0.47 29.41 -3.38
CA PHE A 155 0.03 29.48 -4.75
C PHE A 155 -1.08 29.11 -5.73
N TRP A 156 -1.01 29.69 -6.93
CA TRP A 156 -2.07 29.51 -7.90
C TRP A 156 -1.86 28.25 -8.71
N ALA A 157 -0.62 27.93 -9.04
CA ALA A 157 -0.29 26.80 -9.89
C ALA A 157 1.08 26.27 -9.51
N TYR A 158 1.34 25.03 -9.90
CA TYR A 158 2.58 24.37 -9.51
C TYR A 158 3.13 23.59 -10.70
N HIS A 159 4.45 23.57 -10.82
CA HIS A 159 5.12 22.68 -11.77
C HIS A 159 6.23 21.96 -11.04
N ALA A 160 6.20 20.63 -11.05
CA ALA A 160 7.17 19.81 -10.33
C ALA A 160 7.85 18.91 -11.33
N THR A 161 9.18 18.98 -11.43
CA THR A 161 9.90 18.13 -12.37
C THR A 161 10.93 17.26 -11.64
N SER A 162 10.95 15.96 -12.00
CA SER A 162 11.74 14.96 -11.31
C SER A 162 11.60 15.10 -9.79
N ALA A 163 10.33 15.11 -9.32
CA ALA A 163 10.09 15.25 -7.88
C ALA A 163 9.96 13.88 -7.21
N PRO A 164 10.76 13.59 -6.17
CA PRO A 164 10.65 12.30 -5.47
C PRO A 164 9.58 12.37 -4.36
N VAL A 165 8.32 12.39 -4.78
CA VAL A 165 7.24 12.65 -3.82
C VAL A 165 6.98 11.48 -2.88
N GLU A 166 7.45 10.27 -3.21
CA GLU A 166 7.30 9.10 -2.35
C GLU A 166 8.60 8.84 -1.60
N ALA A 167 8.53 8.86 -0.27
CA ALA A 167 9.69 8.51 0.54
C ALA A 167 9.85 7.00 0.61
N ILE A 168 11.08 6.54 0.44
CA ILE A 168 11.40 5.13 0.26
C ILE A 168 12.65 4.85 1.05
N TYR A 169 12.62 3.80 1.87
CA TYR A 169 13.75 3.48 2.74
C TYR A 169 14.86 2.75 1.95
N ASP A 170 14.51 1.62 1.33
CA ASP A 170 15.49 0.85 0.57
C ASP A 170 15.32 1.20 -0.90
N TYR A 171 15.99 2.28 -1.31
CA TYR A 171 15.75 2.88 -2.63
C TYR A 171 16.78 2.37 -3.65
N TRP A 172 16.79 1.05 -3.82
CA TRP A 172 17.63 0.47 -4.84
C TRP A 172 17.15 0.87 -6.23
N GLN A 173 15.86 1.23 -6.33
CA GLN A 173 15.34 1.63 -7.63
C GLN A 173 16.02 2.88 -8.16
N TYR A 174 16.82 3.58 -7.34
CA TYR A 174 17.64 4.68 -7.83
C TYR A 174 18.44 4.28 -9.07
N PHE A 175 19.00 3.08 -9.10
CA PHE A 175 19.84 2.61 -10.19
C PHE A 175 19.06 1.88 -11.27
N TYR A 176 17.76 1.65 -11.08
CA TYR A 176 17.01 0.92 -12.11
C TYR A 176 16.94 1.68 -13.43
N PRO A 177 16.54 2.96 -13.48
CA PRO A 177 16.56 3.67 -14.77
C PRO A 177 17.94 3.73 -15.40
N ILE A 178 19.02 3.74 -14.62
CA ILE A 178 20.36 3.76 -15.20
C ILE A 178 20.64 2.43 -15.91
N GLN A 179 20.33 1.31 -15.27
CA GLN A 179 20.34 0.01 -15.93
C GLN A 179 19.59 0.02 -17.27
N GLN A 180 18.41 0.63 -17.31
CA GLN A 180 17.59 0.63 -18.52
C GLN A 180 18.21 1.46 -19.66
N GLY A 181 18.76 2.64 -19.34
CA GLY A 181 19.18 3.56 -20.38
C GLY A 181 20.62 3.37 -20.83
N MET A 182 21.41 2.74 -19.96
CA MET A 182 22.77 2.27 -20.21
C MET A 182 22.85 1.33 -21.41
N ALA A 183 24.04 1.25 -21.99
CA ALA A 183 24.29 0.27 -23.05
C ALA A 183 24.19 -1.14 -22.47
N GLN A 184 23.74 -2.08 -23.30
CA GLN A 184 23.57 -3.46 -22.83
C GLN A 184 24.88 -4.06 -22.34
N ASN A 185 25.96 -3.92 -23.13
CA ASN A 185 27.22 -4.55 -22.76
C ASN A 185 27.73 -3.99 -21.44
N CYS A 186 27.57 -2.69 -21.26
CA CYS A 186 28.05 -2.03 -20.05
C CYS A 186 27.18 -2.41 -18.85
N SER A 187 25.89 -2.55 -19.06
CA SER A 187 24.98 -3.01 -18.02
C SER A 187 25.34 -4.43 -17.55
N LYS A 188 25.50 -5.37 -18.48
CA LYS A 188 25.79 -6.74 -18.05
C LYS A 188 27.13 -6.82 -17.36
N ASP A 189 28.12 -6.06 -17.84
CA ASP A 189 29.46 -6.16 -17.29
C ASP A 189 29.57 -5.43 -15.95
N VAL A 190 28.81 -4.34 -15.75
CA VAL A 190 28.82 -3.69 -14.44
C VAL A 190 28.07 -4.55 -13.44
N SER A 191 27.06 -5.30 -13.89
CA SER A 191 26.42 -6.29 -13.03
C SER A 191 27.42 -7.36 -12.61
N LEU A 192 28.27 -7.81 -13.55
CA LEU A 192 29.21 -8.88 -13.23
C LEU A 192 30.19 -8.44 -12.15
N VAL A 193 30.75 -7.24 -12.31
CA VAL A 193 31.70 -6.75 -11.32
C VAL A 193 30.99 -6.50 -9.99
N ALA A 194 29.80 -5.92 -10.02
CA ALA A 194 29.12 -5.65 -8.76
C ALA A 194 28.77 -6.96 -8.02
N GLU A 195 28.40 -7.99 -8.76
CA GLU A 195 28.10 -9.24 -8.07
C GLU A 195 29.37 -9.97 -7.62
N TYR A 196 30.52 -9.70 -8.27
CA TYR A 196 31.76 -10.34 -7.82
C TYR A 196 32.22 -9.76 -6.49
N VAL A 197 32.12 -8.43 -6.34
CA VAL A 197 32.43 -7.77 -5.06
C VAL A 197 31.60 -8.36 -3.93
N ASP A 198 30.32 -8.65 -4.20
CA ASP A 198 29.50 -9.31 -3.18
C ASP A 198 30.08 -10.66 -2.79
N LYS A 199 30.40 -11.52 -3.79
CA LYS A 199 30.87 -12.87 -3.47
C LYS A 199 32.20 -12.84 -2.72
N ILE A 200 33.05 -11.86 -3.01
CA ILE A 200 34.31 -11.79 -2.28
C ILE A 200 34.07 -11.31 -0.85
N GLY A 201 33.08 -10.44 -0.65
CA GLY A 201 32.82 -9.90 0.68
C GLY A 201 32.08 -10.85 1.60
N LYS A 202 31.29 -11.77 1.03
CA LYS A 202 30.49 -12.73 1.78
C LYS A 202 31.20 -14.07 1.95
N ASN A 203 31.62 -14.70 0.85
CA ASN A 203 32.23 -16.02 0.88
C ASN A 203 33.73 -15.98 0.57
N GLY A 204 34.40 -14.89 0.89
CA GLY A 204 35.76 -14.75 0.41
C GLY A 204 36.80 -14.61 1.49
N THR A 205 38.05 -14.87 1.16
CA THR A 205 39.07 -14.90 2.20
C THR A 205 39.66 -13.52 2.41
N ALA A 206 40.25 -13.34 3.61
CA ALA A 206 40.96 -12.12 3.94
C ALA A 206 41.95 -11.76 2.85
N LYS A 207 42.59 -12.77 2.25
CA LYS A 207 43.58 -12.47 1.21
C LYS A 207 42.90 -12.08 -0.09
N GLU A 208 41.83 -12.79 -0.47
CA GLU A 208 41.06 -12.43 -1.66
C GLU A 208 40.49 -11.03 -1.52
N GLN A 209 39.89 -10.73 -0.36
CA GLN A 209 39.34 -9.40 -0.12
C GLN A 209 40.40 -8.33 -0.27
N GLN A 210 41.55 -8.50 0.37
CA GLN A 210 42.59 -7.49 0.27
C GLN A 210 43.03 -7.28 -1.16
N ALA A 211 43.24 -8.39 -1.91
CA ALA A 211 43.72 -8.28 -3.29
C ALA A 211 42.77 -7.46 -4.14
N LEU A 212 41.48 -7.79 -4.07
CA LEU A 212 40.43 -7.05 -4.76
C LEU A 212 40.47 -5.56 -4.40
N LYS A 213 40.61 -5.24 -3.12
CA LYS A 213 40.62 -3.83 -2.76
C LYS A 213 41.87 -3.13 -3.29
N GLU A 214 42.92 -3.88 -3.61
CA GLU A 214 44.11 -3.23 -4.12
C GLU A 214 44.03 -2.95 -5.62
N LEU A 215 43.26 -3.75 -6.38
CA LEU A 215 43.03 -3.44 -7.78
C LEU A 215 42.56 -2.01 -7.98
N PHE A 216 41.87 -1.44 -7.00
CA PHE A 216 41.32 -0.10 -7.10
C PHE A 216 42.24 0.94 -6.49
N GLY A 217 43.34 0.52 -5.88
CA GLY A 217 44.16 1.48 -5.16
C GLY A 217 43.61 1.84 -3.80
N LEU A 218 42.70 1.01 -3.27
CA LEU A 218 42.01 1.23 -2.01
C LEU A 218 42.37 0.14 -1.01
N GLY A 219 43.64 -0.25 -0.99
CA GLY A 219 44.06 -1.31 -0.08
C GLY A 219 43.98 -0.91 1.38
N ALA A 220 44.11 0.40 1.66
CA ALA A 220 44.15 0.93 3.01
C ALA A 220 42.77 1.16 3.61
N VAL A 221 41.72 0.96 2.82
CA VAL A 221 40.35 1.02 3.32
C VAL A 221 40.09 -0.20 4.20
N GLU A 222 39.77 0.05 5.47
CA GLU A 222 39.65 -1.05 6.43
C GLU A 222 38.38 -1.86 6.20
N HIS A 223 37.23 -1.20 6.10
CA HIS A 223 35.96 -1.92 6.04
C HIS A 223 35.58 -2.25 4.61
N PHE A 224 35.27 -3.54 4.35
CA PHE A 224 34.94 -3.97 2.99
C PHE A 224 33.66 -3.32 2.49
N ASP A 225 32.63 -3.24 3.33
CA ASP A 225 31.54 -2.27 3.26
C ASP A 225 31.90 -0.99 2.49
N ASP A 226 32.86 -0.22 3.06
CA ASP A 226 33.22 1.09 2.56
C ASP A 226 33.84 1.03 1.17
N PHE A 227 34.59 -0.05 0.89
CA PHE A 227 35.12 -0.26 -0.46
C PHE A 227 33.99 -0.55 -1.46
N ALA A 228 33.04 -1.40 -1.10
CA ALA A 228 31.91 -1.65 -2.00
C ALA A 228 31.11 -0.39 -2.30
N ALA A 229 31.09 0.58 -1.36
CA ALA A 229 30.34 1.80 -1.55
C ALA A 229 30.92 2.76 -2.60
N VAL A 230 32.16 2.55 -3.07
CA VAL A 230 32.70 3.43 -4.13
C VAL A 230 32.21 3.01 -5.53
N LEU A 231 31.92 1.72 -5.75
CA LEU A 231 31.61 1.25 -7.10
C LEU A 231 30.45 1.97 -7.81
N PRO A 232 29.38 2.43 -7.15
CA PRO A 232 28.39 3.24 -7.86
C PRO A 232 28.94 4.53 -8.44
N ASN A 233 30.19 4.91 -8.13
CA ASN A 233 30.77 6.08 -8.77
C ASN A 233 30.64 5.98 -10.27
N GLY A 234 30.72 4.76 -10.81
CA GLY A 234 30.42 4.52 -12.20
C GLY A 234 29.00 4.92 -12.57
N PRO A 235 28.02 4.16 -12.08
CA PRO A 235 26.62 4.48 -12.41
C PRO A 235 26.18 5.86 -11.95
N TYR A 236 26.74 6.37 -10.84
CA TYR A 236 26.32 7.67 -10.35
C TYR A 236 26.50 8.77 -11.40
N LEU A 237 27.53 8.67 -12.24
CA LEU A 237 27.79 9.72 -13.23
C LEU A 237 26.61 9.97 -14.16
N TRP A 238 25.76 8.96 -14.36
CA TRP A 238 24.58 9.12 -15.20
C TRP A 238 23.73 10.33 -14.81
N GLN A 239 23.69 10.69 -13.52
CA GLN A 239 22.88 11.82 -13.07
C GLN A 239 23.43 13.16 -13.56
N ASP A 240 24.72 13.21 -13.87
CA ASP A 240 25.37 14.38 -14.45
C ASP A 240 25.09 14.51 -15.94
N ASN A 241 24.26 13.64 -16.51
CA ASN A 241 23.97 13.68 -17.92
C ASN A 241 22.87 14.69 -18.21
N ASP A 242 22.61 14.85 -19.49
CA ASP A 242 21.97 16.01 -20.03
C ASP A 242 21.94 15.81 -21.54
N PHE A 243 21.02 16.47 -22.21
CA PHE A 243 21.03 16.28 -23.66
C PHE A 243 22.10 17.12 -24.34
N ALA A 244 22.89 17.87 -23.56
CA ALA A 244 23.95 18.72 -24.07
C ALA A 244 25.30 18.41 -23.45
N THR A 245 25.42 17.31 -22.71
CA THR A 245 26.71 16.95 -22.14
C THR A 245 27.56 16.15 -23.10
N GLY A 246 26.99 15.71 -24.23
CA GLY A 246 27.76 15.02 -25.27
C GLY A 246 28.47 13.76 -24.79
N TYR A 247 29.73 13.62 -25.19
CA TYR A 247 30.52 12.45 -24.81
C TYR A 247 31.03 12.64 -23.37
N SER A 248 30.12 12.43 -22.42
CA SER A 248 30.30 12.84 -21.03
C SER A 248 31.00 11.78 -20.19
N SER A 249 31.26 12.15 -18.94
CA SER A 249 32.00 11.29 -18.04
C SER A 249 31.33 9.94 -17.85
N PHE A 250 29.98 9.88 -17.91
CA PHE A 250 29.34 8.57 -17.80
C PHE A 250 29.75 7.67 -18.96
N PHE A 251 29.64 8.17 -20.19
CA PHE A 251 29.97 7.35 -21.34
C PHE A 251 31.47 7.05 -21.40
N GLN A 252 32.31 7.99 -20.96
CA GLN A 252 33.73 7.67 -20.81
C GLN A 252 33.97 6.48 -19.89
N PHE A 253 33.16 6.36 -18.83
CA PHE A 253 33.29 5.26 -17.89
C PHE A 253 32.85 3.95 -18.53
N CYS A 254 31.76 3.97 -19.31
CA CYS A 254 31.33 2.69 -19.88
C CYS A 254 32.28 2.23 -20.98
N ASP A 255 32.96 3.17 -21.64
CA ASP A 255 33.99 2.77 -22.59
C ASP A 255 35.16 2.14 -21.86
N ALA A 256 35.60 2.77 -20.76
CA ALA A 256 36.71 2.20 -20.00
C ALA A 256 36.39 0.77 -19.57
N VAL A 257 35.13 0.49 -19.27
CA VAL A 257 34.74 -0.82 -18.78
C VAL A 257 34.76 -1.85 -19.91
N GLU A 258 34.44 -1.43 -21.13
CA GLU A 258 34.45 -2.32 -22.27
C GLU A 258 35.78 -2.30 -23.02
N GLY A 259 36.83 -1.73 -22.42
CA GLY A 259 38.20 -1.88 -22.89
C GLY A 259 38.47 -1.25 -24.24
N VAL A 260 37.91 -0.06 -24.50
CA VAL A 260 38.01 0.60 -25.80
C VAL A 260 38.36 2.06 -25.59
N GLU A 261 38.84 2.67 -26.65
CA GLU A 261 39.20 4.08 -26.65
C GLU A 261 38.04 4.88 -27.22
N ALA A 262 38.11 6.21 -27.08
CA ALA A 262 36.93 7.03 -27.30
C ALA A 262 36.35 6.80 -28.70
N GLY A 263 37.19 6.81 -29.72
CA GLY A 263 36.62 6.66 -31.05
C GLY A 263 36.91 5.35 -31.72
N ALA A 264 36.76 4.25 -30.99
CA ALA A 264 37.29 2.97 -31.46
C ALA A 264 36.52 2.43 -32.65
N ALA A 265 37.27 1.77 -33.54
CA ALA A 265 36.67 1.15 -34.70
C ALA A 265 35.93 -0.13 -34.33
N VAL A 266 36.49 -0.91 -33.41
CA VAL A 266 35.97 -2.21 -33.01
C VAL A 266 35.51 -2.13 -31.55
N THR A 267 34.30 -2.58 -31.27
CA THR A 267 33.77 -2.57 -29.92
C THR A 267 33.09 -3.89 -29.61
N PRO A 268 32.93 -4.23 -28.32
CA PRO A 268 32.16 -5.45 -27.97
C PRO A 268 30.71 -5.34 -28.41
N GLY A 269 30.09 -6.49 -28.59
CA GLY A 269 28.68 -6.57 -28.88
C GLY A 269 27.85 -6.55 -27.60
N PRO A 270 26.57 -6.88 -27.72
CA PRO A 270 25.65 -6.80 -26.57
C PRO A 270 26.14 -7.49 -25.29
N GLU A 271 26.99 -8.52 -25.37
CA GLU A 271 27.33 -9.30 -24.19
C GLU A 271 28.59 -8.83 -23.48
N GLY A 272 29.30 -7.85 -24.01
CA GLY A 272 30.37 -7.27 -23.25
C GLY A 272 31.68 -8.01 -23.37
N VAL A 273 32.52 -7.88 -22.34
CA VAL A 273 33.88 -8.40 -22.37
C VAL A 273 34.11 -9.52 -21.35
N GLY A 274 33.21 -9.70 -20.39
CA GLY A 274 33.34 -10.76 -19.41
C GLY A 274 34.00 -10.29 -18.13
N LEU A 275 33.89 -11.15 -17.10
CA LEU A 275 34.18 -10.71 -15.73
C LEU A 275 35.65 -10.36 -15.56
N GLU A 276 36.54 -11.22 -16.05
CA GLU A 276 37.96 -10.98 -15.79
C GLU A 276 38.42 -9.72 -16.49
N LYS A 277 37.83 -9.40 -17.64
CA LYS A 277 38.29 -8.20 -18.30
C LYS A 277 37.60 -6.95 -17.74
N ALA A 278 36.28 -7.03 -17.53
CA ALA A 278 35.54 -5.91 -16.97
C ALA A 278 36.01 -5.57 -15.57
N LEU A 279 36.41 -6.57 -14.79
CA LEU A 279 36.90 -6.28 -13.45
C LEU A 279 38.14 -5.39 -13.51
N ALA A 280 39.09 -5.74 -14.38
CA ALA A 280 40.35 -5.01 -14.44
C ALA A 280 40.15 -3.58 -14.97
N ASN A 281 39.38 -3.44 -16.06
CA ASN A 281 39.07 -2.12 -16.62
C ASN A 281 38.39 -1.22 -15.59
N TYR A 282 37.35 -1.74 -14.92
CA TYR A 282 36.68 -1.01 -13.85
C TYR A 282 37.69 -0.57 -12.79
N ALA A 283 38.41 -1.54 -12.23
CA ALA A 283 39.40 -1.25 -11.19
C ALA A 283 40.39 -0.20 -11.67
N ASN A 284 40.83 -0.31 -12.93
CA ASN A 284 41.84 0.62 -13.45
C ASN A 284 41.24 2.00 -13.72
N TRP A 285 39.96 2.04 -14.12
CA TRP A 285 39.29 3.31 -14.33
C TRP A 285 39.15 4.11 -13.04
N PHE A 286 38.86 3.42 -11.92
CA PHE A 286 38.71 4.11 -10.64
C PHE A 286 40.04 4.64 -10.12
N ASN A 287 41.08 3.78 -10.07
CA ASN A 287 42.41 4.17 -9.58
C ASN A 287 43.01 5.27 -10.44
N SER A 288 42.73 5.28 -11.75
CA SER A 288 43.38 6.20 -12.68
C SER A 288 42.75 7.59 -12.74
N THR A 289 41.42 7.64 -12.85
CA THR A 289 40.70 8.89 -13.12
C THR A 289 39.93 9.41 -11.94
N ILE A 290 39.28 8.53 -11.18
CA ILE A 290 38.34 8.93 -10.14
C ILE A 290 39.04 9.15 -8.80
N LEU A 291 39.76 8.14 -8.30
CA LEU A 291 40.39 8.24 -6.99
C LEU A 291 41.28 9.46 -6.80
N PRO A 292 42.16 9.85 -7.74
CA PRO A 292 43.03 11.02 -7.50
C PRO A 292 42.25 12.29 -7.19
N ASP A 293 42.53 12.87 -6.02
CA ASP A 293 41.99 14.16 -5.56
C ASP A 293 40.53 14.10 -5.14
N TYR A 294 39.99 12.88 -4.99
CA TYR A 294 38.62 12.67 -4.52
C TYR A 294 38.42 13.21 -3.09
N CYS A 295 39.13 12.65 -2.11
CA CYS A 295 39.04 13.13 -0.73
C CYS A 295 39.43 14.58 -0.62
N ALA A 296 40.36 15.02 -1.48
CA ALA A 296 40.83 16.38 -1.38
C ALA A 296 39.76 17.38 -1.76
N SER A 297 38.75 16.95 -2.50
CA SER A 297 37.71 17.88 -2.90
C SER A 297 36.76 18.25 -1.76
N TYR A 298 36.84 17.55 -0.63
CA TYR A 298 36.13 17.98 0.58
C TYR A 298 36.85 19.10 1.31
N GLY A 299 38.11 19.39 0.95
CA GLY A 299 38.90 20.39 1.64
C GLY A 299 39.49 19.95 2.97
N TYR A 300 39.06 18.80 3.50
CA TYR A 300 39.52 18.28 4.79
C TYR A 300 40.85 17.55 4.72
N TRP A 301 41.30 17.21 3.52
CA TRP A 301 42.58 16.53 3.30
C TRP A 301 43.26 17.14 2.10
N THR A 302 44.60 17.17 2.15
CA THR A 302 45.39 17.64 1.01
C THR A 302 45.94 16.52 0.14
N ASP A 303 46.09 15.30 0.67
CA ASP A 303 46.77 14.25 -0.06
C ASP A 303 45.99 13.89 -1.33
N GLU A 304 46.66 14.00 -2.46
CA GLU A 304 46.05 13.67 -3.74
C GLU A 304 45.66 12.20 -3.82
N TRP A 305 46.37 11.34 -3.09
CA TRP A 305 46.07 9.91 -3.07
C TRP A 305 45.47 9.47 -1.73
N SER A 306 44.86 10.42 -1.00
CA SER A 306 44.22 10.16 0.28
C SER A 306 43.03 9.22 0.07
N VAL A 307 42.68 8.52 1.14
CA VAL A 307 41.69 7.45 1.02
C VAL A 307 40.83 7.51 2.29
N ALA A 308 40.88 8.66 2.96
CA ALA A 308 40.15 8.85 4.20
C ALA A 308 38.66 9.14 3.97
N CYS A 309 38.31 9.93 2.96
CA CYS A 309 36.90 10.16 2.63
C CYS A 309 36.06 8.89 2.64
N PHE A 310 36.63 7.76 2.25
CA PHE A 310 35.88 6.50 2.12
C PHE A 310 35.63 5.80 3.45
N ASP A 311 36.13 6.32 4.57
CA ASP A 311 36.04 5.63 5.86
C ASP A 311 34.77 6.13 6.56
N SER A 312 33.68 5.39 6.40
CA SER A 312 32.41 5.77 7.03
C SER A 312 32.25 5.22 8.47
N TYR A 313 33.32 4.70 9.07
CA TYR A 313 33.27 4.18 10.44
C TYR A 313 34.04 5.02 11.46
N ASN A 314 34.87 5.97 11.00
CA ASN A 314 35.59 6.89 11.89
C ASN A 314 34.63 7.98 12.35
N ALA A 315 34.08 7.81 13.55
CA ALA A 315 33.11 8.78 14.08
C ALA A 315 33.67 10.17 14.25
N SER A 316 34.97 10.34 14.18
CA SER A 316 35.61 11.65 14.32
C SER A 316 36.06 12.21 12.98
N SER A 317 35.70 11.58 11.86
CA SER A 317 36.08 12.11 10.57
C SER A 317 35.42 13.48 10.36
N PRO A 318 36.08 14.40 9.67
CA PRO A 318 35.49 15.74 9.49
C PRO A 318 34.23 15.71 8.63
N ILE A 319 33.98 14.66 7.85
CA ILE A 319 32.71 14.58 7.16
C ILE A 319 31.56 14.51 8.16
N TYR A 320 31.83 14.07 9.39
CA TYR A 320 30.80 13.99 10.43
C TYR A 320 30.84 15.16 11.40
N THR A 321 32.02 15.68 11.72
CA THR A 321 32.14 16.63 12.82
C THR A 321 32.15 18.07 12.36
N ASP A 322 32.29 18.31 11.03
CA ASP A 322 32.15 19.67 10.50
C ASP A 322 30.67 20.05 10.54
N THR A 323 30.29 20.82 11.56
CA THR A 323 28.93 21.23 11.82
C THR A 323 28.64 22.62 11.25
N SER A 324 29.53 23.16 10.44
CA SER A 324 29.32 24.49 9.91
C SER A 324 28.23 24.50 8.84
N VAL A 325 27.66 25.68 8.62
CA VAL A 325 26.60 25.81 7.63
C VAL A 325 27.11 25.45 6.24
N GLY A 326 28.31 25.92 5.90
CA GLY A 326 28.90 25.58 4.61
C GLY A 326 29.78 24.34 4.62
N ASN A 327 29.38 23.31 5.37
CA ASN A 327 30.10 22.06 5.36
C ASN A 327 30.13 21.49 3.94
N ALA A 328 30.94 20.46 3.75
CA ALA A 328 31.16 19.92 2.42
C ALA A 328 30.24 18.77 2.07
N VAL A 329 29.71 18.04 3.06
CA VAL A 329 28.93 16.85 2.74
C VAL A 329 27.46 17.17 2.56
N ASP A 330 27.03 18.41 2.80
CA ASP A 330 25.61 18.76 2.78
C ASP A 330 24.87 17.98 3.86
N ARG A 331 25.37 18.13 5.08
CA ARG A 331 24.75 17.47 6.21
C ARG A 331 23.31 17.92 6.40
N GLN A 332 22.99 19.15 5.97
CA GLN A 332 21.60 19.59 6.02
C GLN A 332 20.70 18.63 5.26
N TRP A 333 21.13 18.21 4.07
CA TRP A 333 20.29 17.25 3.34
C TRP A 333 20.24 15.92 4.07
N GLU A 334 21.38 15.46 4.61
CA GLU A 334 21.44 14.25 5.41
C GLU A 334 20.45 14.25 6.57
N TRP A 335 20.21 15.43 7.17
CA TRP A 335 19.22 15.56 8.23
C TRP A 335 17.80 15.23 7.74
N PHE A 336 17.39 15.79 6.60
CA PHE A 336 16.12 15.36 6.01
C PHE A 336 16.06 13.84 5.83
N LEU A 337 17.15 13.24 5.35
CA LEU A 337 17.12 11.79 5.11
C LEU A 337 16.95 11.02 6.41
N CYS A 338 17.64 11.44 7.48
CA CYS A 338 17.61 10.71 8.74
C CYS A 338 16.47 11.15 9.65
N ASN A 339 15.95 12.38 9.49
CA ASN A 339 14.99 12.94 10.43
C ASN A 339 13.57 13.01 9.91
N GLU A 340 13.35 13.37 8.64
CA GLU A 340 11.97 13.58 8.19
C GLU A 340 11.08 12.36 8.39
N PRO A 341 11.50 11.13 8.07
CA PRO A 341 12.74 10.73 7.37
C PRO A 341 12.48 10.39 5.88
N PHE A 342 13.28 10.94 4.95
CA PHE A 342 13.16 10.57 3.53
C PHE A 342 13.90 9.27 3.22
N PHE A 343 15.04 9.04 3.86
CA PHE A 343 15.93 7.92 3.55
C PHE A 343 16.50 7.97 2.14
N TYR A 344 15.72 7.53 1.13
CA TYR A 344 16.20 7.41 -0.25
C TYR A 344 17.54 6.67 -0.33
N TRP A 345 17.74 5.66 0.53
CA TRP A 345 19.04 5.01 0.60
C TRP A 345 19.35 4.31 -0.72
N GLN A 346 20.53 4.58 -1.25
CA GLN A 346 20.92 4.14 -2.59
C GLN A 346 21.69 2.81 -2.52
N ASP A 347 21.01 1.73 -2.90
CA ASP A 347 21.36 0.36 -2.55
C ASP A 347 21.33 -0.58 -3.77
N GLY A 348 22.02 -1.71 -3.61
CA GLY A 348 21.87 -2.80 -4.55
C GLY A 348 20.49 -3.44 -4.46
N ALA A 349 20.07 -4.05 -5.56
CA ALA A 349 18.73 -4.61 -5.67
C ALA A 349 18.56 -5.80 -4.72
N PRO A 350 17.29 -6.17 -4.39
CA PRO A 350 17.07 -7.36 -3.56
C PRO A 350 17.54 -8.63 -4.26
N GLU A 351 17.36 -9.80 -3.65
CA GLU A 351 18.06 -10.97 -4.16
C GLU A 351 17.48 -11.48 -5.48
N GLY A 352 16.17 -11.43 -5.66
CA GLY A 352 15.62 -11.91 -6.92
C GLY A 352 16.04 -11.11 -8.15
N THR A 353 16.57 -9.92 -7.95
CA THR A 353 16.54 -8.87 -8.96
C THR A 353 17.95 -8.48 -9.36
N SER A 354 18.16 -8.25 -10.66
CA SER A 354 19.51 -7.92 -11.15
C SER A 354 19.88 -6.48 -10.78
N THR A 355 21.17 -6.27 -10.54
CA THR A 355 21.66 -5.04 -9.92
C THR A 355 22.94 -4.62 -10.62
N ILE A 356 23.19 -3.31 -10.68
CA ILE A 356 24.45 -2.79 -11.20
C ILE A 356 25.29 -2.23 -10.08
N VAL A 357 24.87 -2.43 -8.84
CA VAL A 357 25.53 -1.91 -7.65
C VAL A 357 25.65 -3.11 -6.71
N PRO A 358 26.76 -3.26 -5.98
CA PRO A 358 26.88 -4.40 -5.05
C PRO A 358 25.77 -4.40 -4.01
N ARG A 359 25.23 -5.59 -3.74
CA ARG A 359 24.23 -5.71 -2.67
C ARG A 359 24.78 -5.40 -1.29
N LEU A 360 26.11 -5.43 -1.11
CA LEU A 360 26.68 -5.05 0.18
C LEU A 360 26.33 -3.61 0.54
N VAL A 361 26.29 -2.73 -0.44
CA VAL A 361 25.81 -1.36 -0.29
C VAL A 361 24.32 -1.38 -0.03
N SER A 362 23.94 -1.40 1.24
CA SER A 362 22.58 -1.72 1.67
C SER A 362 22.00 -0.56 2.46
N ALA A 363 20.69 -0.62 2.66
CA ALA A 363 20.04 0.38 3.51
C ALA A 363 20.71 0.46 4.88
N SER A 364 21.02 -0.68 5.49
CA SER A 364 21.63 -0.65 6.82
C SER A 364 22.97 0.06 6.79
N TYR A 365 23.73 -0.14 5.71
CA TYR A 365 25.01 0.54 5.57
C TYR A 365 24.84 2.04 5.73
N TRP A 366 23.80 2.60 5.10
CA TRP A 366 23.58 4.03 5.14
C TRP A 366 22.96 4.46 6.46
N GLN A 367 21.91 3.76 6.91
CA GLN A 367 21.27 4.08 8.17
C GLN A 367 22.27 4.21 9.31
N ARG A 368 23.23 3.30 9.36
CA ARG A 368 24.25 3.29 10.39
C ARG A 368 24.95 4.63 10.52
N GLN A 369 25.05 5.37 9.43
CA GLN A 369 25.83 6.60 9.50
C GLN A 369 25.08 7.77 10.14
N CYS A 370 23.78 7.65 10.37
CA CYS A 370 23.01 8.79 10.85
C CYS A 370 23.42 9.24 12.25
N PRO A 371 23.62 8.34 13.21
CA PRO A 371 24.07 8.79 14.53
C PRO A 371 25.49 9.32 14.55
N LEU A 372 26.28 9.06 13.50
CA LEU A 372 27.62 9.62 13.38
C LEU A 372 27.56 11.04 12.83
N TYR A 373 26.70 11.25 11.83
CA TYR A 373 26.36 12.61 11.38
C TYR A 373 25.77 13.43 12.52
N PHE A 374 24.92 12.83 13.34
CA PHE A 374 24.14 13.54 14.35
C PHE A 374 24.17 12.79 15.67
N PRO A 375 25.27 12.87 16.41
CA PRO A 375 25.27 12.30 17.76
C PRO A 375 24.18 12.95 18.61
N GLU A 376 23.74 12.19 19.62
CA GLU A 376 22.72 12.69 20.54
C GLU A 376 23.21 13.96 21.22
N THR A 377 22.43 15.03 21.10
CA THR A 377 22.80 16.36 21.59
C THR A 377 21.75 16.86 22.56
N ASN A 378 22.14 17.08 23.82
CA ASN A 378 21.25 17.65 24.84
C ASN A 378 19.84 17.09 24.77
N GLY A 379 19.73 15.76 24.70
CA GLY A 379 18.46 15.08 24.71
C GLY A 379 17.84 14.82 23.35
N TYR A 380 18.23 15.58 22.31
CA TYR A 380 17.61 15.47 20.99
C TYR A 380 18.29 14.40 20.13
N THR A 381 17.50 13.73 19.30
CA THR A 381 18.02 12.85 18.25
C THR A 381 17.38 13.18 16.91
N TYR A 382 17.69 12.36 15.93
CA TYR A 382 17.02 12.35 14.64
C TYR A 382 15.79 11.43 14.71
N GLY A 383 14.81 11.72 13.85
CA GLY A 383 13.49 11.11 13.97
C GLY A 383 13.45 9.61 13.75
N SER A 384 14.31 9.09 12.85
CA SER A 384 14.26 7.66 12.60
C SER A 384 14.81 6.85 13.78
N ALA A 385 15.38 7.51 14.78
CA ALA A 385 15.75 6.86 16.03
C ALA A 385 14.62 6.87 17.04
N LYS A 386 13.72 7.85 16.94
CA LYS A 386 12.52 7.92 17.77
C LYS A 386 11.35 7.16 17.16
N GLY A 387 11.60 6.26 16.19
CA GLY A 387 10.57 5.40 15.63
C GLY A 387 9.93 5.83 14.32
N LYS A 388 10.25 6.99 13.78
CA LYS A 388 9.68 7.41 12.50
C LYS A 388 10.27 6.63 11.32
N ASN A 389 9.47 6.47 10.26
CA ASN A 389 9.89 5.74 9.05
C ASN A 389 9.30 6.44 7.82
N ALA A 390 9.36 5.78 6.67
CA ALA A 390 8.91 6.41 5.43
C ALA A 390 7.41 6.66 5.44
N ALA A 391 6.65 5.82 6.16
CA ALA A 391 5.21 6.01 6.30
C ALA A 391 4.88 7.25 7.12
N THR A 392 5.81 7.72 7.94
CA THR A 392 5.59 8.98 8.64
C THR A 392 5.36 10.11 7.65
N VAL A 393 6.09 10.10 6.54
CA VAL A 393 5.99 11.18 5.55
C VAL A 393 4.88 10.89 4.54
N ASN A 394 4.81 9.65 4.03
CA ASN A 394 3.79 9.33 3.05
C ASN A 394 2.40 9.47 3.64
N SER A 395 2.22 9.09 4.91
CA SER A 395 0.94 9.31 5.60
C SER A 395 0.50 10.77 5.50
N TRP A 396 1.45 11.70 5.59
CA TRP A 396 1.13 13.11 5.69
C TRP A 396 1.00 13.75 4.31
N THR A 397 2.04 13.59 3.47
CA THR A 397 2.05 14.16 2.13
C THR A 397 1.08 13.47 1.19
N GLY A 398 0.79 12.18 1.41
CA GLY A 398 0.09 11.37 0.45
C GLY A 398 0.99 10.61 -0.50
N GLY A 399 2.29 10.95 -0.52
CA GLY A 399 3.28 10.30 -1.35
C GLY A 399 2.83 10.23 -2.80
N TRP A 400 3.10 9.07 -3.41
CA TRP A 400 2.63 8.74 -4.76
C TRP A 400 1.17 9.07 -4.98
N ASP A 401 0.34 8.94 -3.94
CA ASP A 401 -1.11 9.02 -4.14
C ASP A 401 -1.67 10.42 -3.94
N MET A 402 -0.81 11.44 -3.81
CA MET A 402 -1.31 12.81 -3.80
C MET A 402 -1.87 13.22 -5.15
N THR A 403 -1.66 12.40 -6.17
CA THR A 403 -2.20 12.65 -7.50
C THR A 403 -3.72 12.50 -7.56
N ARG A 404 -4.36 11.99 -6.50
CA ARG A 404 -5.77 11.65 -6.59
C ARG A 404 -6.65 12.89 -6.61
N ASN A 405 -6.31 13.93 -5.83
CA ASN A 405 -6.98 15.22 -5.94
C ASN A 405 -5.93 16.31 -6.10
N THR A 406 -5.81 16.81 -7.31
CA THR A 406 -4.82 17.79 -7.71
C THR A 406 -5.52 18.94 -8.40
N THR A 407 -5.03 20.14 -8.19
CA THR A 407 -5.57 21.29 -8.90
C THR A 407 -4.43 22.13 -9.42
N ARG A 408 -4.34 22.27 -10.74
CA ARG A 408 -3.39 23.16 -11.40
C ARG A 408 -1.95 22.82 -11.02
N LEU A 409 -1.63 21.54 -11.11
CA LEU A 409 -0.28 21.05 -10.87
C LEU A 409 0.14 20.19 -12.06
N ILE A 410 1.33 20.43 -12.59
CA ILE A 410 1.83 19.72 -13.76
C ILE A 410 3.14 19.02 -13.40
N TRP A 411 3.28 17.78 -13.87
CA TRP A 411 4.47 16.98 -13.59
C TRP A 411 5.28 16.78 -14.86
N THR A 412 6.60 16.77 -14.69
CA THR A 412 7.49 16.29 -15.72
C THR A 412 8.37 15.24 -15.06
N ASN A 413 8.62 14.14 -15.77
CA ASN A 413 9.66 13.23 -15.34
C ASN A 413 10.55 12.86 -16.53
N GLY A 414 11.64 12.17 -16.23
CA GLY A 414 12.59 11.72 -17.23
C GLY A 414 12.62 10.20 -17.29
N GLN A 415 12.60 9.67 -18.52
CA GLN A 415 12.49 8.23 -18.72
C GLN A 415 13.58 7.47 -17.99
N TYR A 416 14.81 8.00 -18.00
CA TYR A 416 15.96 7.35 -17.39
C TYR A 416 16.50 8.18 -16.22
N ASP A 417 15.65 8.97 -15.60
CA ASP A 417 16.05 9.78 -14.43
C ASP A 417 16.24 8.89 -13.19
N PRO A 418 17.43 8.88 -12.56
CA PRO A 418 17.60 7.99 -11.40
C PRO A 418 16.61 8.26 -10.28
N TRP A 419 15.97 9.43 -10.27
CA TRP A 419 14.93 9.73 -9.28
C TRP A 419 13.53 9.45 -9.82
N ARG A 420 13.41 8.90 -11.01
CA ARG A 420 12.09 8.60 -11.56
C ARG A 420 11.26 7.76 -10.62
N ASP A 421 11.85 6.70 -10.08
CA ASP A 421 11.03 5.65 -9.50
C ASP A 421 10.54 5.97 -8.10
N SER A 422 10.89 7.12 -7.57
CA SER A 422 10.25 7.63 -6.37
C SER A 422 9.26 8.74 -6.67
N GLY A 423 9.10 9.09 -7.95
CA GLY A 423 8.20 10.13 -8.36
C GLY A 423 6.92 9.61 -8.95
N VAL A 424 6.16 10.54 -9.53
CA VAL A 424 4.82 10.23 -9.96
C VAL A 424 4.76 9.30 -11.18
N SER A 425 5.84 9.22 -11.96
CA SER A 425 5.87 8.39 -13.17
C SER A 425 6.65 7.10 -12.95
N SER A 426 6.70 6.63 -11.71
CA SER A 426 7.53 5.48 -11.37
C SER A 426 6.90 4.18 -11.86
N THR A 427 7.72 3.24 -12.32
CA THR A 427 7.14 1.96 -12.73
C THR A 427 6.77 1.10 -11.54
N PHE A 428 7.20 1.46 -10.33
CA PHE A 428 6.91 0.68 -9.14
C PHE A 428 5.70 1.20 -8.37
N ARG A 429 5.25 2.41 -8.67
CA ARG A 429 4.06 2.98 -8.08
C ARG A 429 2.85 2.10 -8.41
N PRO A 430 1.89 1.97 -7.48
CA PRO A 430 0.71 1.11 -7.73
C PRO A 430 -0.11 1.60 -8.91
N GLY A 431 -0.24 0.74 -9.91
CA GLY A 431 -0.90 1.07 -11.15
C GLY A 431 0.02 1.54 -12.24
N GLY A 432 1.31 1.66 -11.96
CA GLY A 432 2.25 2.13 -12.95
C GLY A 432 2.32 3.65 -13.01
N PRO A 433 3.05 4.16 -14.00
CA PRO A 433 3.18 5.62 -14.13
C PRO A 433 1.83 6.29 -14.25
N LEU A 434 1.63 7.32 -13.42
CA LEU A 434 0.47 8.21 -13.49
C LEU A 434 0.11 8.50 -14.94
N ALA A 435 -1.18 8.36 -15.25
CA ALA A 435 -1.69 8.74 -16.57
C ALA A 435 -2.05 10.22 -16.65
N SER A 436 -1.65 10.87 -17.75
CA SER A 436 -1.91 12.29 -17.89
C SER A 436 -3.39 12.56 -18.08
N THR A 437 -3.86 13.64 -17.50
CA THR A 437 -5.25 14.06 -17.63
C THR A 437 -5.23 15.57 -17.86
N ALA A 438 -6.35 16.09 -18.34
CA ALA A 438 -6.45 17.52 -18.60
C ALA A 438 -6.23 18.31 -17.32
N ASN A 439 -6.82 17.84 -16.26
CA ASN A 439 -6.87 18.47 -14.98
C ASN A 439 -5.53 18.34 -14.26
N GLU A 440 -4.82 17.24 -14.53
CA GLU A 440 -3.52 16.92 -13.95
C GLU A 440 -2.58 16.40 -15.06
N PRO A 441 -1.92 17.27 -15.80
CA PRO A 441 -1.00 16.81 -16.84
C PRO A 441 0.31 16.22 -16.29
N VAL A 442 0.82 15.21 -17.00
CA VAL A 442 2.15 14.68 -16.74
C VAL A 442 2.75 14.26 -18.07
N GLN A 443 4.04 14.54 -18.27
CA GLN A 443 4.75 14.00 -19.43
C GLN A 443 6.14 13.50 -19.06
N ILE A 444 6.57 12.47 -19.78
CA ILE A 444 7.88 11.87 -19.61
C ILE A 444 8.77 12.28 -20.77
N ILE A 445 9.98 12.75 -20.47
CA ILE A 445 10.92 13.16 -21.51
C ILE A 445 11.59 11.90 -22.04
N PRO A 446 11.31 11.51 -23.29
CA PRO A 446 11.97 10.31 -23.85
C PRO A 446 13.48 10.41 -23.74
N GLY A 447 14.08 9.36 -23.18
CA GLY A 447 15.51 9.37 -22.95
C GLY A 447 15.99 10.35 -21.90
N GLY A 448 15.08 10.89 -21.07
CA GLY A 448 15.45 11.98 -20.18
C GLY A 448 16.27 11.56 -18.96
N PHE A 449 16.98 12.53 -18.41
CA PHE A 449 17.81 12.39 -17.22
C PHE A 449 17.16 13.16 -16.06
N HIS A 450 17.98 13.69 -15.15
CA HIS A 450 17.49 14.47 -14.02
C HIS A 450 17.14 15.88 -14.48
N CYS A 451 15.94 16.31 -14.13
CA CYS A 451 15.39 17.61 -14.51
C CYS A 451 15.89 18.11 -15.86
N SER A 452 15.73 17.31 -16.92
CA SER A 452 16.34 17.67 -18.19
C SER A 452 15.54 18.72 -18.97
N ASP A 453 14.54 19.34 -18.34
CA ASP A 453 13.76 20.39 -18.98
C ASP A 453 13.92 21.75 -18.29
N LEU A 454 14.83 21.86 -17.31
CA LEU A 454 15.06 23.12 -16.61
C LEU A 454 16.12 24.01 -17.27
N TYR A 455 17.07 23.43 -18.03
CA TYR A 455 18.07 24.21 -18.76
C TYR A 455 17.61 24.36 -20.20
N MET A 456 17.70 25.57 -20.74
CA MET A 456 17.27 25.78 -22.11
C MET A 456 18.26 25.18 -23.10
N ALA A 457 19.52 24.98 -22.71
CA ALA A 457 20.43 24.22 -23.55
C ALA A 457 19.82 22.90 -24.00
N ASP A 458 18.98 22.30 -23.14
CA ASP A 458 18.31 21.05 -23.51
C ASP A 458 17.21 21.30 -24.50
N TYR A 459 16.55 22.45 -24.38
CA TYR A 459 15.49 22.79 -25.31
C TYR A 459 15.97 22.76 -26.74
N TYR A 460 17.16 23.33 -26.99
CA TYR A 460 17.64 23.43 -28.35
C TYR A 460 18.35 22.16 -28.79
N ALA A 461 18.97 21.45 -27.84
CA ALA A 461 19.75 20.27 -28.17
C ALA A 461 18.89 19.04 -28.45
N ASN A 462 17.66 18.99 -27.96
CA ASN A 462 16.86 17.78 -28.12
C ASN A 462 15.42 18.15 -28.41
N GLU A 463 14.89 17.59 -29.49
CA GLU A 463 13.52 17.85 -29.93
C GLU A 463 12.49 17.27 -28.98
N GLY A 464 12.86 16.31 -28.13
CA GLY A 464 11.91 15.78 -27.18
C GLY A 464 11.65 16.74 -26.04
N VAL A 465 12.72 17.34 -25.51
CA VAL A 465 12.56 18.37 -24.50
C VAL A 465 11.72 19.53 -25.02
N LYS A 466 11.98 19.95 -26.26
CA LYS A 466 11.25 21.09 -26.84
C LYS A 466 9.75 20.86 -26.82
N LYS A 467 9.31 19.68 -27.27
CA LYS A 467 7.89 19.35 -27.14
C LYS A 467 7.44 19.45 -25.66
N VAL A 468 8.21 18.89 -24.73
CA VAL A 468 7.77 18.89 -23.33
C VAL A 468 7.76 20.32 -22.78
N VAL A 469 8.79 21.12 -23.10
CA VAL A 469 8.87 22.49 -22.61
C VAL A 469 7.75 23.34 -23.20
N ASP A 470 7.47 23.20 -24.51
CA ASP A 470 6.39 23.97 -25.13
C ASP A 470 5.03 23.62 -24.53
N ASN A 471 4.77 22.34 -24.26
CA ASN A 471 3.44 21.98 -23.76
C ASN A 471 3.22 22.51 -22.35
N GLU A 472 4.23 22.41 -21.48
CA GLU A 472 4.02 22.83 -20.10
C GLU A 472 4.02 24.35 -19.98
N VAL A 473 4.85 25.04 -20.78
CA VAL A 473 4.76 26.50 -20.86
C VAL A 473 3.37 26.91 -21.32
N LYS A 474 2.82 26.17 -22.29
CA LYS A 474 1.46 26.46 -22.75
C LYS A 474 0.43 26.20 -21.66
N GLN A 475 0.64 25.16 -20.84
CA GLN A 475 -0.29 24.85 -19.77
C GLN A 475 -0.19 25.85 -18.62
N ILE A 476 1.03 26.30 -18.30
CA ILE A 476 1.15 27.31 -17.25
C ILE A 476 0.53 28.63 -17.70
N LYS A 477 0.61 28.95 -19.00
CA LYS A 477 -0.01 30.18 -19.49
C LYS A 477 -1.52 30.11 -19.41
N GLU A 478 -2.11 29.03 -19.95
CA GLU A 478 -3.56 28.90 -19.93
C GLU A 478 -4.11 28.92 -18.53
N TRP A 479 -3.35 28.40 -17.56
CA TRP A 479 -3.83 28.33 -16.19
C TRP A 479 -3.75 29.70 -15.50
N VAL A 480 -2.70 30.47 -15.79
CA VAL A 480 -2.60 31.80 -15.17
C VAL A 480 -3.63 32.76 -15.77
N GLU A 481 -3.91 32.63 -17.07
CA GLU A 481 -4.96 33.45 -17.68
C GLU A 481 -6.28 33.26 -16.95
N GLU A 482 -6.53 32.05 -16.43
CA GLU A 482 -7.76 31.79 -15.69
C GLU A 482 -7.86 32.63 -14.42
N TYR A 483 -6.78 33.28 -13.98
CA TYR A 483 -6.86 34.19 -12.86
C TYR A 483 -7.57 35.51 -13.21
N TYR A 484 -7.82 35.78 -14.48
CA TYR A 484 -8.42 37.07 -14.88
C TYR A 484 -9.73 36.94 -15.71
N ALA B 1 -39.88 -1.73 -14.21
CA ALA B 1 -39.28 -0.96 -15.29
C ALA B 1 -37.94 -1.56 -15.72
N THR B 2 -36.84 -1.00 -15.22
CA THR B 2 -35.51 -1.18 -15.80
C THR B 2 -34.46 -1.41 -14.71
N THR B 3 -33.34 -2.01 -15.12
CA THR B 3 -32.19 -2.19 -14.25
C THR B 3 -30.96 -1.54 -14.90
N GLY B 4 -29.95 -1.26 -14.09
CA GLY B 4 -28.77 -0.57 -14.59
C GLY B 4 -27.57 -0.66 -13.69
N GLU B 5 -26.41 -0.41 -14.28
CA GLU B 5 -25.12 -0.35 -13.60
C GLU B 5 -24.56 1.07 -13.65
N ALA B 6 -24.03 1.55 -12.53
CA ALA B 6 -23.45 2.89 -12.48
C ALA B 6 -22.19 2.91 -11.62
N TYR B 7 -21.53 4.06 -11.59
CA TYR B 7 -20.39 4.26 -10.71
C TYR B 7 -20.65 5.43 -9.78
N PHE B 8 -20.28 5.22 -8.52
CA PHE B 8 -20.38 6.20 -7.46
C PHE B 8 -18.96 6.61 -7.09
N GLU B 9 -18.71 7.92 -7.00
CA GLU B 9 -17.35 8.42 -6.71
C GLU B 9 -17.21 8.51 -5.21
N GLN B 10 -16.70 7.42 -4.63
CA GLN B 10 -16.63 7.22 -3.20
C GLN B 10 -15.40 7.94 -2.61
N LEU B 11 -15.53 8.43 -1.39
CA LEU B 11 -14.38 9.03 -0.72
C LEU B 11 -13.35 7.96 -0.34
N LEU B 12 -12.08 8.21 -0.63
CA LEU B 12 -11.05 7.27 -0.19
C LEU B 12 -10.93 7.25 1.32
N ASP B 13 -10.99 8.41 1.97
CA ASP B 13 -10.88 8.52 3.42
C ASP B 13 -12.04 9.40 3.89
N HIS B 14 -13.03 8.83 4.55
CA HIS B 14 -14.19 9.64 4.96
C HIS B 14 -13.84 10.67 6.02
N HIS B 15 -12.69 10.53 6.68
CA HIS B 15 -12.24 11.53 7.62
C HIS B 15 -11.29 12.56 7.00
N ASN B 16 -10.90 12.39 5.73
CA ASN B 16 -10.06 13.35 5.03
C ASN B 16 -10.49 13.43 3.57
N PRO B 17 -11.69 13.97 3.32
CA PRO B 17 -12.32 13.84 2.00
C PRO B 17 -11.57 14.48 0.87
N GLU B 18 -10.54 15.25 1.16
CA GLU B 18 -9.90 16.00 0.10
C GLU B 18 -8.69 15.27 -0.41
N LYS B 19 -8.42 14.07 0.13
CA LYS B 19 -7.52 13.13 -0.50
C LYS B 19 -8.09 12.57 -1.80
N GLY B 20 -9.40 12.69 -2.02
CA GLY B 20 -10.01 12.44 -3.31
C GLY B 20 -10.94 11.24 -3.30
N THR B 21 -11.29 10.78 -4.51
CA THR B 21 -12.28 9.71 -4.65
C THR B 21 -11.70 8.51 -5.40
N PHE B 22 -12.54 7.48 -5.50
CA PHE B 22 -12.37 6.34 -6.39
C PHE B 22 -13.75 5.89 -6.86
N SER B 23 -13.78 5.17 -7.98
CA SER B 23 -15.05 4.73 -8.55
C SER B 23 -15.46 3.43 -7.87
N GLN B 24 -16.69 3.40 -7.37
CA GLN B 24 -17.26 2.24 -6.71
C GLN B 24 -18.43 1.74 -7.55
N ARG B 25 -18.45 0.44 -7.82
CA ARG B 25 -19.41 -0.11 -8.77
C ARG B 25 -20.71 -0.50 -8.05
N TYR B 26 -21.84 -0.17 -8.67
CA TYR B 26 -23.10 -0.60 -8.10
C TYR B 26 -24.12 -0.78 -9.22
N TRP B 27 -25.19 -1.51 -8.89
CA TRP B 27 -26.29 -1.87 -9.78
C TRP B 27 -27.62 -1.50 -9.13
N TRP B 28 -28.65 -1.36 -9.95
CA TRP B 28 -29.94 -1.02 -9.40
C TRP B 28 -31.04 -1.62 -10.25
N SER B 29 -32.15 -1.98 -9.60
CA SER B 29 -33.37 -2.45 -10.26
C SER B 29 -34.55 -1.63 -9.73
N THR B 30 -35.40 -1.15 -10.65
CA THR B 30 -36.68 -0.54 -10.29
C THR B 30 -37.84 -1.52 -10.45
N GLU B 31 -37.55 -2.82 -10.51
CA GLU B 31 -38.56 -3.81 -10.84
C GLU B 31 -39.84 -3.64 -10.03
N TYR B 32 -39.71 -3.39 -8.73
CA TYR B 32 -40.87 -3.28 -7.85
C TYR B 32 -41.04 -1.87 -7.31
N TRP B 33 -40.31 -0.90 -7.85
CA TRP B 33 -40.27 0.45 -7.32
C TRP B 33 -41.60 1.17 -7.53
N GLY B 34 -42.06 1.87 -6.49
CA GLY B 34 -43.28 2.64 -6.58
C GLY B 34 -43.10 4.09 -6.98
N GLY B 35 -41.91 4.50 -7.39
CA GLY B 35 -41.67 5.89 -7.73
C GLY B 35 -41.05 6.65 -6.59
N PRO B 36 -40.75 7.93 -6.84
CA PRO B 36 -40.03 8.73 -5.84
C PRO B 36 -40.67 8.70 -4.46
N GLY B 37 -39.82 8.58 -3.43
CA GLY B 37 -40.23 8.50 -2.04
C GLY B 37 -40.42 7.08 -1.51
N SER B 38 -40.39 6.10 -2.41
CA SER B 38 -40.57 4.70 -2.05
C SER B 38 -39.28 4.12 -1.49
N PRO B 39 -39.37 2.99 -0.76
CA PRO B 39 -38.20 2.48 -0.05
C PRO B 39 -37.07 2.07 -0.98
N VAL B 40 -35.88 1.90 -0.41
CA VAL B 40 -34.73 1.38 -1.15
C VAL B 40 -34.09 0.28 -0.31
N VAL B 41 -33.84 -0.87 -0.94
CA VAL B 41 -33.21 -2.02 -0.29
C VAL B 41 -31.78 -2.10 -0.80
N LEU B 42 -30.82 -1.99 0.12
CA LEU B 42 -29.41 -1.93 -0.21
C LEU B 42 -28.72 -3.19 0.29
N PHE B 43 -27.91 -3.81 -0.55
CA PHE B 43 -27.20 -5.04 -0.22
C PHE B 43 -25.76 -4.96 -0.73
N THR B 44 -24.82 -5.51 0.05
CA THR B 44 -23.49 -5.68 -0.52
C THR B 44 -23.10 -7.15 -0.41
N PRO B 45 -22.45 -7.69 -1.43
CA PRO B 45 -21.98 -9.08 -1.34
C PRO B 45 -20.96 -9.28 -0.23
N GLY B 46 -20.22 -8.24 0.14
CA GLY B 46 -19.21 -8.34 1.18
C GLY B 46 -17.82 -8.56 0.59
N GLU B 47 -17.10 -9.58 1.11
CA GLU B 47 -15.67 -9.84 0.88
C GLU B 47 -15.31 -10.36 -0.51
N VAL B 48 -15.96 -9.86 -1.55
CA VAL B 48 -15.90 -10.56 -2.82
C VAL B 48 -16.29 -9.58 -3.89
N SER B 49 -15.73 -9.76 -5.08
CA SER B 49 -16.23 -9.08 -6.26
C SER B 49 -17.72 -9.33 -6.41
N ALA B 50 -18.41 -8.34 -6.97
CA ALA B 50 -19.83 -8.42 -7.21
C ALA B 50 -20.17 -9.04 -8.57
N ASP B 51 -19.16 -9.39 -9.38
CA ASP B 51 -19.40 -10.11 -10.64
C ASP B 51 -20.34 -11.30 -10.41
N GLY B 52 -21.50 -11.28 -11.08
CA GLY B 52 -22.42 -12.39 -11.03
C GLY B 52 -23.39 -12.44 -9.86
N TYR B 53 -23.43 -11.43 -8.99
CA TYR B 53 -24.38 -11.42 -7.89
C TYR B 53 -25.71 -10.75 -8.26
N GLU B 54 -25.99 -10.53 -9.55
CA GLU B 54 -27.15 -9.76 -9.99
C GLU B 54 -28.49 -10.35 -9.55
N GLY B 55 -28.52 -11.64 -9.22
CA GLY B 55 -29.75 -12.26 -8.73
C GLY B 55 -30.24 -11.68 -7.43
N TYR B 56 -29.40 -10.94 -6.71
CA TYR B 56 -29.86 -10.22 -5.53
C TYR B 56 -30.69 -9.00 -5.90
N LEU B 57 -30.76 -8.65 -7.19
CA LEU B 57 -31.73 -7.70 -7.69
C LEU B 57 -33.11 -8.33 -7.91
N THR B 58 -33.27 -9.63 -7.73
CA THR B 58 -34.44 -10.38 -8.12
C THR B 58 -35.08 -11.02 -6.90
N ASN B 59 -36.37 -11.38 -7.03
CA ASN B 59 -37.11 -12.07 -5.96
C ASN B 59 -36.83 -13.56 -5.89
N GLU B 60 -35.84 -14.08 -6.62
CA GLU B 60 -35.22 -15.35 -6.25
C GLU B 60 -34.35 -15.27 -5.00
N THR B 61 -34.08 -14.06 -4.48
CA THR B 61 -33.34 -13.87 -3.24
C THR B 61 -34.10 -12.96 -2.29
N LEU B 62 -33.87 -13.16 -0.98
CA LEU B 62 -34.55 -12.41 0.07
C LEU B 62 -34.52 -10.90 -0.15
N THR B 63 -33.44 -10.38 -0.74
CA THR B 63 -33.37 -8.93 -0.95
C THR B 63 -34.44 -8.48 -1.94
N GLY B 64 -34.62 -9.21 -3.05
CA GLY B 64 -35.72 -8.91 -3.96
C GLY B 64 -37.07 -9.17 -3.33
N VAL B 65 -37.21 -10.26 -2.58
CA VAL B 65 -38.46 -10.49 -1.86
C VAL B 65 -38.80 -9.30 -0.96
N TYR B 66 -37.79 -8.75 -0.27
CA TYR B 66 -38.02 -7.52 0.49
C TYR B 66 -38.52 -6.40 -0.41
N ALA B 67 -37.86 -6.18 -1.55
CA ALA B 67 -38.25 -5.09 -2.46
C ALA B 67 -39.67 -5.29 -2.99
N GLN B 68 -40.05 -6.54 -3.26
CA GLN B 68 -41.39 -6.80 -3.74
C GLN B 68 -42.44 -6.35 -2.71
N GLU B 69 -42.20 -6.65 -1.43
CA GLU B 69 -43.22 -6.49 -0.39
C GLU B 69 -43.42 -5.05 0.07
N ILE B 70 -42.40 -4.19 -0.10
CA ILE B 70 -42.49 -2.80 0.29
C ILE B 70 -42.51 -1.87 -0.92
N GLN B 71 -42.50 -2.43 -2.14
CA GLN B 71 -42.49 -1.65 -3.38
C GLN B 71 -41.28 -0.73 -3.44
N GLY B 72 -40.11 -1.31 -3.22
CA GLY B 72 -38.88 -0.55 -3.18
C GLY B 72 -37.92 -0.83 -4.32
N ALA B 73 -36.91 0.03 -4.41
CA ALA B 73 -35.86 -0.26 -5.36
C ALA B 73 -34.86 -1.22 -4.72
N VAL B 74 -34.00 -1.82 -5.53
CA VAL B 74 -32.90 -2.63 -5.02
C VAL B 74 -31.59 -2.09 -5.58
N ILE B 75 -30.58 -2.05 -4.72
CA ILE B 75 -29.26 -1.63 -5.13
C ILE B 75 -28.26 -2.64 -4.57
N LEU B 76 -27.47 -3.21 -5.45
CA LEU B 76 -26.34 -4.02 -5.06
C LEU B 76 -25.10 -3.14 -5.21
N ILE B 77 -24.39 -2.90 -4.10
CA ILE B 77 -23.17 -2.09 -4.10
C ILE B 77 -21.95 -2.97 -3.87
N GLU B 78 -20.98 -2.85 -4.73
CA GLU B 78 -19.73 -3.59 -4.58
C GLU B 78 -18.86 -2.95 -3.49
N HIS B 79 -18.36 -3.80 -2.58
CA HIS B 79 -17.51 -3.35 -1.47
C HIS B 79 -16.21 -2.77 -1.99
N ARG B 80 -15.76 -1.70 -1.34
CA ARG B 80 -14.49 -1.10 -1.70
C ARG B 80 -13.38 -2.14 -1.66
N TYR B 81 -12.44 -2.06 -2.61
CA TYR B 81 -11.25 -2.94 -2.78
C TYR B 81 -11.57 -4.30 -3.39
N TRP B 82 -12.79 -4.56 -3.83
CA TRP B 82 -13.09 -5.77 -4.60
C TRP B 82 -13.59 -5.39 -5.98
N GLY B 83 -13.31 -6.25 -6.96
CA GLY B 83 -13.84 -6.09 -8.30
C GLY B 83 -13.39 -4.82 -9.00
N ASP B 84 -14.34 -4.00 -9.42
CA ASP B 84 -14.04 -2.74 -10.09
C ASP B 84 -14.09 -1.56 -9.13
N SER B 85 -14.03 -1.82 -7.83
CA SER B 85 -14.25 -0.80 -6.81
C SER B 85 -13.06 -0.65 -5.88
N SER B 86 -11.85 -0.96 -6.36
CA SER B 86 -10.64 -0.71 -5.58
C SER B 86 -9.95 0.61 -5.96
N PRO B 87 -9.51 1.37 -4.96
CA PRO B 87 -8.71 2.58 -5.24
C PRO B 87 -7.27 2.28 -5.67
N TYR B 88 -6.80 1.04 -5.59
CA TYR B 88 -5.45 0.74 -6.05
C TYR B 88 -5.49 -0.57 -6.80
N GLU B 89 -4.51 -0.79 -7.68
CA GLU B 89 -4.40 -2.03 -8.43
C GLU B 89 -3.34 -2.95 -7.87
N VAL B 90 -2.68 -2.54 -6.79
CA VAL B 90 -1.75 -3.37 -6.03
C VAL B 90 -2.19 -3.30 -4.58
N LEU B 91 -2.36 -4.44 -3.95
CA LEU B 91 -2.84 -4.47 -2.56
C LEU B 91 -1.70 -4.87 -1.63
N ASN B 92 -1.11 -3.88 -0.95
CA ASN B 92 -0.12 -4.16 0.07
C ASN B 92 -0.46 -3.37 1.32
N ALA B 93 0.44 -3.44 2.32
CA ALA B 93 0.17 -2.80 3.61
C ALA B 93 0.16 -1.28 3.50
N GLU B 94 0.81 -0.72 2.48
CA GLU B 94 0.66 0.70 2.20
C GLU B 94 -0.72 0.98 1.60
N THR B 95 -1.02 0.34 0.45
CA THR B 95 -2.27 0.60 -0.29
C THR B 95 -3.52 0.16 0.46
N LEU B 96 -3.44 -0.88 1.29
CA LEU B 96 -4.62 -1.35 2.00
C LEU B 96 -4.97 -0.55 3.26
N GLN B 97 -4.26 0.55 3.55
CA GLN B 97 -4.53 1.26 4.80
C GLN B 97 -5.96 1.77 4.88
N TYR B 98 -6.63 1.97 3.76
CA TYR B 98 -8.00 2.48 3.74
C TYR B 98 -9.07 1.37 3.63
N LEU B 99 -8.66 0.11 3.63
CA LEU B 99 -9.62 -0.99 3.73
C LEU B 99 -9.79 -1.30 5.19
N THR B 100 -10.78 -0.64 5.81
CA THR B 100 -11.05 -0.74 7.25
C THR B 100 -12.55 -0.77 7.44
N LEU B 101 -12.99 -1.36 8.55
CA LEU B 101 -14.42 -1.37 8.85
C LEU B 101 -14.96 0.06 8.98
N ASP B 102 -14.17 0.97 9.57
CA ASP B 102 -14.57 2.37 9.69
C ASP B 102 -14.94 2.97 8.33
N GLN B 103 -14.12 2.71 7.30
CA GLN B 103 -14.41 3.25 5.98
C GLN B 103 -15.55 2.51 5.29
N ALA B 104 -15.61 1.18 5.44
CA ALA B 104 -16.70 0.44 4.81
C ALA B 104 -18.05 0.93 5.31
N ILE B 105 -18.17 1.22 6.61
CA ILE B 105 -19.44 1.65 7.16
C ILE B 105 -19.84 3.02 6.61
N LEU B 106 -18.94 4.00 6.70
CA LEU B 106 -19.25 5.32 6.17
C LEU B 106 -19.44 5.29 4.66
N ASP B 107 -18.96 4.24 3.98
CA ASP B 107 -19.25 4.09 2.56
C ASP B 107 -20.75 3.92 2.32
N MET B 108 -21.40 3.10 3.16
CA MET B 108 -22.82 2.80 2.95
C MET B 108 -23.72 3.98 3.32
N THR B 109 -23.43 4.65 4.42
CA THR B 109 -24.24 5.79 4.82
C THR B 109 -24.05 6.95 3.86
N TYR B 110 -22.81 7.22 3.48
CA TYR B 110 -22.51 8.29 2.52
C TYR B 110 -23.13 8.04 1.16
N PHE B 111 -23.00 6.79 0.65
CA PHE B 111 -23.65 6.43 -0.61
C PHE B 111 -25.14 6.68 -0.52
N ALA B 112 -25.78 6.15 0.52
CA ALA B 112 -27.21 6.32 0.67
C ALA B 112 -27.59 7.79 0.81
N GLU B 113 -26.68 8.66 1.27
CA GLU B 113 -27.04 10.04 1.52
C GLU B 113 -26.75 10.98 0.35
N THR B 114 -25.96 10.56 -0.65
CA THR B 114 -25.46 11.49 -1.66
C THR B 114 -25.49 10.91 -3.08
N VAL B 115 -25.74 9.60 -3.25
CA VAL B 115 -25.78 9.03 -4.59
C VAL B 115 -26.86 9.73 -5.41
N LYS B 116 -26.52 10.02 -6.67
CA LYS B 116 -27.48 10.55 -7.65
C LYS B 116 -27.96 9.38 -8.49
N LEU B 117 -29.12 8.84 -8.15
CA LEU B 117 -29.62 7.64 -8.80
C LEU B 117 -30.13 8.00 -10.19
N GLN B 118 -29.82 7.14 -11.16
CA GLN B 118 -30.23 7.41 -12.54
C GLN B 118 -31.75 7.42 -12.67
N PHE B 119 -32.43 6.61 -11.87
CA PHE B 119 -33.88 6.53 -11.94
C PHE B 119 -34.60 7.60 -11.14
N ASP B 120 -33.88 8.58 -10.60
CA ASP B 120 -34.49 9.62 -9.79
C ASP B 120 -33.49 10.75 -9.52
N ASN B 121 -33.40 11.74 -10.43
CA ASN B 121 -32.45 12.85 -10.27
C ASN B 121 -32.72 13.63 -8.98
N SER B 122 -33.97 13.67 -8.55
CA SER B 122 -34.41 14.27 -7.30
C SER B 122 -33.68 13.79 -6.03
N THR B 123 -33.82 14.51 -4.92
CA THR B 123 -33.34 14.00 -3.64
C THR B 123 -34.26 12.98 -2.97
N ARG B 124 -35.49 12.77 -3.44
CA ARG B 124 -36.51 12.15 -2.58
C ARG B 124 -36.47 10.62 -2.60
N SER B 125 -35.46 10.02 -3.20
CA SER B 125 -35.20 8.60 -2.94
C SER B 125 -33.88 8.40 -2.22
N ASN B 126 -33.32 9.46 -1.67
CA ASN B 126 -32.14 9.34 -0.83
C ASN B 126 -32.53 9.18 0.62
N ALA B 127 -31.57 8.71 1.43
CA ALA B 127 -31.89 8.20 2.75
C ALA B 127 -32.46 9.26 3.69
N GLN B 128 -32.31 10.55 3.36
CA GLN B 128 -32.92 11.60 4.17
C GLN B 128 -34.41 11.70 3.94
N ASN B 129 -34.89 11.28 2.76
CA ASN B 129 -36.28 11.48 2.36
C ASN B 129 -37.01 10.19 2.01
N ALA B 130 -36.37 9.04 2.22
CA ALA B 130 -36.97 7.76 1.92
C ALA B 130 -36.36 6.71 2.82
N PRO B 131 -37.12 5.68 3.20
CA PRO B 131 -36.59 4.63 4.08
C PRO B 131 -35.69 3.66 3.31
N TRP B 132 -34.44 3.55 3.77
CA TRP B 132 -33.48 2.60 3.20
C TRP B 132 -33.31 1.40 4.14
N VAL B 133 -33.41 0.19 3.57
CA VAL B 133 -33.34 -1.04 4.33
C VAL B 133 -32.03 -1.73 3.96
N MET B 134 -31.17 -1.92 4.94
CA MET B 134 -29.90 -2.59 4.72
C MET B 134 -30.05 -4.06 5.07
N VAL B 135 -29.70 -4.93 4.13
CA VAL B 135 -29.79 -6.38 4.35
C VAL B 135 -28.43 -6.99 4.07
N GLY B 136 -28.03 -7.98 4.87
CA GLY B 136 -26.70 -8.54 4.73
C GLY B 136 -26.57 -9.88 5.40
N GLY B 137 -25.68 -10.71 4.85
CA GLY B 137 -25.38 -11.98 5.46
C GLY B 137 -23.88 -12.14 5.55
N SER B 138 -23.45 -13.03 6.44
CA SER B 138 -22.05 -13.29 6.80
C SER B 138 -21.37 -11.95 7.13
N TYR B 139 -20.21 -11.63 6.55
CA TYR B 139 -19.53 -10.39 6.89
C TYR B 139 -20.40 -9.18 6.53
N SER B 140 -21.12 -9.27 5.42
CA SER B 140 -22.02 -8.22 4.99
C SER B 140 -23.17 -8.02 6.00
N GLY B 141 -23.51 -9.05 6.77
CA GLY B 141 -24.50 -8.91 7.82
C GLY B 141 -23.93 -8.26 9.06
N ALA B 142 -22.71 -8.68 9.44
CA ALA B 142 -22.04 -7.97 10.52
C ALA B 142 -21.85 -6.50 10.15
N LEU B 143 -21.50 -6.23 8.89
CA LEU B 143 -21.38 -4.86 8.44
C LEU B 143 -22.71 -4.14 8.57
N THR B 144 -23.80 -4.81 8.16
CA THR B 144 -25.15 -4.26 8.37
C THR B 144 -25.36 -3.95 9.84
N ALA B 145 -25.18 -4.95 10.72
CA ALA B 145 -25.39 -4.74 12.14
C ALA B 145 -24.44 -3.68 12.70
N TRP B 146 -23.17 -3.70 12.28
CA TRP B 146 -22.23 -2.74 12.85
C TRP B 146 -22.59 -1.29 12.46
N THR B 147 -23.14 -1.08 11.26
CA THR B 147 -23.64 0.25 10.88
C THR B 147 -24.77 0.72 11.83
N GLU B 148 -25.70 -0.17 12.18
CA GLU B 148 -26.73 0.20 13.17
C GLU B 148 -26.11 0.60 14.51
N SER B 149 -25.03 -0.10 14.89
CA SER B 149 -24.41 0.15 16.18
C SER B 149 -23.64 1.47 16.19
N VAL B 150 -22.92 1.75 15.09
CA VAL B 150 -21.87 2.75 15.03
C VAL B 150 -22.27 3.99 14.24
N ALA B 151 -23.13 3.86 13.24
CA ALA B 151 -23.60 5.01 12.46
C ALA B 151 -25.13 5.01 12.35
N PRO B 152 -25.84 5.01 13.49
CA PRO B 152 -27.27 4.67 13.47
C PRO B 152 -28.18 5.56 12.63
N GLY B 153 -27.85 6.81 12.38
CA GLY B 153 -29.01 7.59 11.97
C GLY B 153 -29.42 7.69 10.50
N THR B 154 -28.89 6.89 9.58
CA THR B 154 -29.13 7.03 8.14
C THR B 154 -30.13 6.02 7.59
N PHE B 155 -29.86 4.73 7.77
CA PHE B 155 -30.77 3.71 7.30
C PHE B 155 -32.01 3.60 8.18
N TRP B 156 -33.13 3.21 7.59
CA TRP B 156 -34.37 3.11 8.34
C TRP B 156 -34.52 1.76 9.03
N ALA B 157 -34.05 0.68 8.42
CA ALA B 157 -34.21 -0.64 9.03
C ALA B 157 -33.06 -1.53 8.60
N TYR B 158 -32.84 -2.58 9.37
CA TYR B 158 -31.72 -3.48 9.09
C TYR B 158 -32.11 -4.94 9.30
N HIS B 159 -31.58 -5.82 8.46
CA HIS B 159 -31.69 -7.26 8.68
C HIS B 159 -30.33 -7.90 8.45
N ALA B 160 -29.81 -8.60 9.47
CA ALA B 160 -28.51 -9.27 9.41
C ALA B 160 -28.68 -10.74 9.70
N THR B 161 -28.22 -11.61 8.78
CA THR B 161 -28.33 -13.06 8.93
C THR B 161 -26.95 -13.71 9.00
N SER B 162 -26.77 -14.62 9.94
CA SER B 162 -25.47 -15.21 10.24
C SER B 162 -24.38 -14.14 10.25
N ALA B 163 -24.61 -13.11 11.06
CA ALA B 163 -23.65 -12.02 11.18
C ALA B 163 -22.70 -12.30 12.34
N PRO B 164 -21.37 -12.31 12.12
CA PRO B 164 -20.38 -12.49 13.21
C PRO B 164 -19.94 -11.16 13.83
N VAL B 165 -20.85 -10.58 14.63
CA VAL B 165 -20.64 -9.24 15.17
C VAL B 165 -19.61 -9.20 16.28
N GLU B 166 -19.29 -10.35 16.87
CA GLU B 166 -18.26 -10.47 17.91
C GLU B 166 -16.99 -11.01 17.28
N ALA B 167 -15.91 -10.22 17.38
CA ALA B 167 -14.59 -10.65 16.90
C ALA B 167 -13.93 -11.56 17.91
N ILE B 168 -13.26 -12.60 17.41
CA ILE B 168 -12.72 -13.68 18.23
C ILE B 168 -11.34 -14.06 17.69
N TYR B 169 -10.35 -14.16 18.58
CA TYR B 169 -9.00 -14.46 18.12
C TYR B 169 -8.84 -15.95 17.83
N ASP B 170 -9.11 -16.79 18.83
CA ASP B 170 -9.02 -18.25 18.69
C ASP B 170 -10.44 -18.79 18.51
N TYR B 171 -10.88 -18.86 17.25
CA TYR B 171 -12.27 -19.18 16.90
C TYR B 171 -12.46 -20.68 16.62
N TRP B 172 -12.14 -21.50 17.63
CA TRP B 172 -12.34 -22.93 17.49
C TRP B 172 -13.82 -23.27 17.46
N GLN B 173 -14.65 -22.39 17.99
CA GLN B 173 -16.08 -22.63 17.94
C GLN B 173 -16.60 -22.64 16.51
N TYR B 174 -15.76 -22.30 15.53
CA TYR B 174 -16.16 -22.39 14.13
C TYR B 174 -16.76 -23.76 13.82
N PHE B 175 -16.14 -24.82 14.34
CA PHE B 175 -16.50 -26.21 14.08
C PHE B 175 -17.50 -26.79 15.08
N TYR B 176 -17.86 -26.06 16.14
CA TYR B 176 -18.80 -26.62 17.11
C TYR B 176 -20.19 -26.86 16.50
N PRO B 177 -20.83 -25.90 15.81
CA PRO B 177 -22.14 -26.23 15.23
C PRO B 177 -22.09 -27.39 14.26
N ILE B 178 -20.95 -27.62 13.61
CA ILE B 178 -20.81 -28.77 12.73
C ILE B 178 -20.86 -30.06 13.55
N GLN B 179 -20.07 -30.11 14.64
CA GLN B 179 -20.16 -31.20 15.61
C GLN B 179 -21.58 -31.48 16.04
N GLN B 180 -22.34 -30.43 16.34
CA GLN B 180 -23.70 -30.65 16.83
C GLN B 180 -24.56 -31.31 15.77
N GLY B 181 -24.47 -30.85 14.52
CA GLY B 181 -25.36 -31.24 13.44
C GLY B 181 -24.87 -32.41 12.62
N MET B 182 -23.57 -32.63 12.63
CA MET B 182 -22.98 -33.83 12.03
C MET B 182 -23.53 -35.09 12.70
N ALA B 183 -23.52 -36.19 11.95
CA ALA B 183 -23.95 -37.46 12.51
C ALA B 183 -23.01 -37.91 13.63
N GLN B 184 -23.58 -38.57 14.63
CA GLN B 184 -22.79 -39.03 15.78
C GLN B 184 -21.62 -39.90 15.34
N ASN B 185 -21.86 -40.87 14.45
CA ASN B 185 -20.75 -41.72 14.06
C ASN B 185 -19.67 -40.89 13.37
N CYS B 186 -20.07 -40.00 12.48
CA CYS B 186 -19.07 -39.17 11.82
C CYS B 186 -18.49 -38.13 12.77
N SER B 187 -19.28 -37.64 13.73
CA SER B 187 -18.71 -36.76 14.75
C SER B 187 -17.62 -37.48 15.54
N LYS B 188 -17.94 -38.67 16.05
CA LYS B 188 -16.97 -39.36 16.90
C LYS B 188 -15.73 -39.79 16.12
N ASP B 189 -15.92 -40.23 14.86
CA ASP B 189 -14.77 -40.79 14.16
C ASP B 189 -13.84 -39.72 13.59
N VAL B 190 -14.37 -38.55 13.22
CA VAL B 190 -13.45 -37.51 12.78
C VAL B 190 -12.70 -36.95 13.99
N SER B 191 -13.33 -36.98 15.18
CA SER B 191 -12.64 -36.58 16.41
C SER B 191 -11.43 -37.47 16.65
N LEU B 192 -11.58 -38.79 16.41
CA LEU B 192 -10.50 -39.75 16.62
C LEU B 192 -9.34 -39.51 15.66
N VAL B 193 -9.64 -39.38 14.36
CA VAL B 193 -8.59 -39.15 13.38
C VAL B 193 -7.83 -37.86 13.68
N ALA B 194 -8.55 -36.83 14.13
CA ALA B 194 -7.92 -35.55 14.41
C ALA B 194 -6.96 -35.63 15.58
N GLU B 195 -7.32 -36.34 16.64
CA GLU B 195 -6.41 -36.44 17.78
C GLU B 195 -5.24 -37.36 17.49
N TYR B 196 -5.39 -38.29 16.53
CA TYR B 196 -4.26 -39.13 16.14
C TYR B 196 -3.22 -38.32 15.38
N VAL B 197 -3.68 -37.44 14.49
CA VAL B 197 -2.75 -36.52 13.83
C VAL B 197 -2.00 -35.73 14.87
N ASP B 198 -2.70 -35.30 15.92
CA ASP B 198 -2.04 -34.59 17.03
C ASP B 198 -0.97 -35.46 17.67
N LYS B 199 -1.33 -36.71 18.04
CA LYS B 199 -0.38 -37.54 18.75
C LYS B 199 0.84 -37.85 17.90
N ILE B 200 0.64 -38.02 16.59
CA ILE B 200 1.80 -38.33 15.73
C ILE B 200 2.69 -37.11 15.57
N GLY B 201 2.11 -35.90 15.56
CA GLY B 201 2.93 -34.71 15.39
C GLY B 201 3.66 -34.28 16.64
N LYS B 202 3.10 -34.57 17.83
CA LYS B 202 3.71 -34.13 19.08
C LYS B 202 4.61 -35.20 19.71
N ASN B 203 4.05 -36.38 19.95
CA ASN B 203 4.74 -37.49 20.62
C ASN B 203 5.14 -38.57 19.63
N GLY B 204 5.40 -38.20 18.38
CA GLY B 204 5.61 -39.20 17.36
C GLY B 204 6.93 -39.15 16.63
N THR B 205 7.31 -40.26 16.00
CA THR B 205 8.64 -40.37 15.42
C THR B 205 8.64 -39.78 14.02
N ALA B 206 9.80 -39.28 13.61
CA ALA B 206 9.94 -38.67 12.30
C ALA B 206 9.40 -39.56 11.19
N LYS B 207 9.66 -40.87 11.26
CA LYS B 207 9.26 -41.75 10.18
C LYS B 207 7.78 -42.08 10.25
N GLU B 208 7.22 -42.18 11.46
CA GLU B 208 5.77 -42.32 11.60
C GLU B 208 5.05 -41.14 10.96
N GLN B 209 5.58 -39.92 11.18
CA GLN B 209 5.03 -38.72 10.58
C GLN B 209 5.01 -38.82 9.06
N GLN B 210 6.14 -39.17 8.45
CA GLN B 210 6.17 -39.32 7.00
C GLN B 210 5.15 -40.35 6.54
N ALA B 211 5.06 -41.48 7.23
CA ALA B 211 4.09 -42.52 6.87
C ALA B 211 2.67 -41.97 6.90
N LEU B 212 2.33 -41.27 7.99
CA LEU B 212 1.01 -40.66 8.12
C LEU B 212 0.65 -39.74 6.96
N LYS B 213 1.54 -38.81 6.62
CA LYS B 213 1.19 -37.85 5.59
C LYS B 213 1.20 -38.46 4.19
N GLU B 214 1.88 -39.60 3.99
CA GLU B 214 1.79 -40.25 2.70
C GLU B 214 0.49 -41.05 2.61
N LEU B 215 -0.06 -41.45 3.74
CA LEU B 215 -1.38 -42.07 3.75
C LEU B 215 -2.40 -41.21 3.04
N PHE B 216 -2.18 -39.88 3.02
CA PHE B 216 -3.04 -38.90 2.37
C PHE B 216 -2.56 -38.48 1.00
N GLY B 217 -1.40 -38.99 0.53
CA GLY B 217 -0.82 -38.55 -0.72
C GLY B 217 -0.03 -37.26 -0.61
N LEU B 218 0.31 -36.85 0.61
CA LEU B 218 0.96 -35.57 0.86
C LEU B 218 2.37 -35.75 1.38
N GLY B 219 3.12 -36.69 0.81
CA GLY B 219 4.47 -36.92 1.31
C GLY B 219 5.36 -35.72 1.18
N ALA B 220 5.07 -34.85 0.21
CA ALA B 220 5.96 -33.74 -0.08
C ALA B 220 5.68 -32.48 0.73
N VAL B 221 4.63 -32.44 1.57
CA VAL B 221 4.47 -31.29 2.46
C VAL B 221 5.54 -31.35 3.54
N GLU B 222 6.39 -30.32 3.58
CA GLU B 222 7.56 -30.35 4.47
C GLU B 222 7.18 -30.21 5.93
N HIS B 223 6.38 -29.19 6.26
CA HIS B 223 6.01 -28.90 7.65
C HIS B 223 4.74 -29.66 8.01
N PHE B 224 4.77 -30.37 9.15
CA PHE B 224 3.63 -31.20 9.56
C PHE B 224 2.39 -30.36 9.79
N ASP B 225 2.58 -29.19 10.41
CA ASP B 225 1.69 -28.02 10.33
C ASP B 225 0.74 -27.99 9.14
N ASP B 226 1.31 -27.83 7.94
CA ASP B 226 0.51 -27.67 6.74
C ASP B 226 -0.30 -28.92 6.42
N PHE B 227 0.24 -30.10 6.70
CA PHE B 227 -0.53 -31.33 6.53
C PHE B 227 -1.74 -31.34 7.46
N ALA B 228 -1.54 -31.00 8.73
CA ALA B 228 -2.66 -31.02 9.67
C ALA B 228 -3.76 -30.06 9.25
N ALA B 229 -3.39 -28.92 8.66
CA ALA B 229 -4.37 -27.92 8.24
C ALA B 229 -5.24 -28.41 7.09
N VAL B 230 -4.88 -29.56 6.52
CA VAL B 230 -5.62 -30.14 5.41
C VAL B 230 -6.88 -30.89 5.87
N LEU B 231 -6.84 -31.49 7.06
CA LEU B 231 -7.98 -32.30 7.50
C LEU B 231 -9.30 -31.55 7.65
N PRO B 232 -9.34 -30.27 8.04
CA PRO B 232 -10.62 -29.53 8.04
C PRO B 232 -11.31 -29.41 6.68
N ASN B 233 -10.63 -29.76 5.56
CA ASN B 233 -11.28 -29.76 4.26
C ASN B 233 -12.59 -30.56 4.30
N GLY B 234 -12.61 -31.64 5.08
CA GLY B 234 -13.81 -32.42 5.28
C GLY B 234 -14.95 -31.64 5.90
N PRO B 235 -14.82 -31.25 7.18
CA PRO B 235 -15.93 -30.53 7.84
C PRO B 235 -16.30 -29.20 7.18
N TYR B 236 -15.33 -28.47 6.64
CA TYR B 236 -15.61 -27.17 6.01
C TYR B 236 -16.71 -27.26 4.96
N LEU B 237 -16.82 -28.42 4.30
CA LEU B 237 -17.84 -28.58 3.28
C LEU B 237 -19.24 -28.38 3.86
N TRP B 238 -19.38 -28.56 5.18
CA TRP B 238 -20.65 -28.29 5.86
C TRP B 238 -21.19 -26.90 5.56
N GLN B 239 -20.29 -25.92 5.32
CA GLN B 239 -20.72 -24.54 5.04
C GLN B 239 -21.36 -24.40 3.67
N ASP B 240 -21.03 -25.29 2.73
CA ASP B 240 -21.60 -25.32 1.38
C ASP B 240 -22.98 -25.97 1.33
N ASN B 241 -23.51 -26.40 2.47
CA ASN B 241 -24.83 -27.04 2.52
C ASN B 241 -25.94 -26.01 2.65
N ASP B 242 -27.16 -26.52 2.59
CA ASP B 242 -28.34 -25.77 2.23
C ASP B 242 -29.48 -26.77 2.28
N PHE B 243 -30.71 -26.28 2.41
CA PHE B 243 -31.83 -27.21 2.43
C PHE B 243 -32.20 -27.73 1.04
N ALA B 244 -31.46 -27.34 0.01
CA ALA B 244 -31.68 -27.81 -1.35
C ALA B 244 -30.44 -28.45 -1.94
N THR B 245 -29.42 -28.72 -1.13
CA THR B 245 -28.20 -29.33 -1.61
C THR B 245 -28.25 -30.85 -1.68
N GLY B 246 -29.30 -31.46 -1.13
CA GLY B 246 -29.50 -32.90 -1.21
C GLY B 246 -28.34 -33.68 -0.64
N TYR B 247 -27.96 -34.73 -1.34
CA TYR B 247 -26.86 -35.62 -0.94
C TYR B 247 -25.54 -34.96 -1.36
N SER B 248 -25.13 -33.99 -0.56
CA SER B 248 -24.08 -33.06 -0.95
C SER B 248 -22.69 -33.60 -0.65
N SER B 249 -21.70 -32.84 -1.12
CA SER B 249 -20.31 -33.25 -0.97
C SER B 249 -19.91 -33.41 0.49
N PHE B 250 -20.55 -32.68 1.41
CA PHE B 250 -20.28 -32.93 2.82
C PHE B 250 -20.73 -34.32 3.21
N PHE B 251 -21.97 -34.67 2.87
CA PHE B 251 -22.49 -35.97 3.29
C PHE B 251 -21.77 -37.11 2.59
N GLN B 252 -21.36 -36.90 1.34
CA GLN B 252 -20.45 -37.87 0.72
C GLN B 252 -19.22 -38.08 1.56
N PHE B 253 -18.77 -37.02 2.24
CA PHE B 253 -17.55 -37.12 3.05
C PHE B 253 -17.80 -37.98 4.28
N CYS B 254 -18.95 -37.85 4.92
CA CYS B 254 -19.16 -38.60 6.14
C CYS B 254 -19.50 -40.05 5.86
N ASP B 255 -20.07 -40.35 4.70
CA ASP B 255 -20.25 -41.74 4.31
C ASP B 255 -18.91 -42.40 4.04
N ALA B 256 -18.08 -41.74 3.23
CA ALA B 256 -16.75 -42.27 2.90
C ALA B 256 -15.93 -42.57 4.16
N VAL B 257 -16.12 -41.79 5.23
CA VAL B 257 -15.28 -42.00 6.40
C VAL B 257 -15.73 -43.23 7.18
N GLU B 258 -17.04 -43.51 7.20
CA GLU B 258 -17.50 -44.70 7.91
C GLU B 258 -17.70 -45.91 6.97
N GLY B 259 -16.98 -45.94 5.86
CA GLY B 259 -16.85 -47.12 5.03
C GLY B 259 -18.11 -47.50 4.29
N VAL B 260 -18.81 -46.54 3.67
CA VAL B 260 -20.09 -46.84 3.04
C VAL B 260 -20.17 -46.20 1.65
N GLU B 261 -21.09 -46.76 0.85
CA GLU B 261 -21.50 -46.38 -0.50
C GLU B 261 -22.89 -45.75 -0.47
N ALA B 262 -23.28 -45.09 -1.55
CA ALA B 262 -24.49 -44.27 -1.52
C ALA B 262 -25.75 -45.09 -1.24
N GLY B 263 -25.96 -46.21 -1.94
CA GLY B 263 -27.22 -46.91 -1.77
C GLY B 263 -27.13 -48.12 -0.88
N ALA B 264 -26.41 -47.95 0.24
CA ALA B 264 -26.12 -49.05 1.14
C ALA B 264 -27.36 -49.39 1.98
N ALA B 265 -27.57 -50.69 2.19
CA ALA B 265 -28.65 -51.12 3.05
C ALA B 265 -28.26 -51.02 4.52
N VAL B 266 -27.05 -51.46 4.86
CA VAL B 266 -26.57 -51.50 6.23
C VAL B 266 -25.43 -50.52 6.40
N THR B 267 -25.54 -49.67 7.40
CA THR B 267 -24.59 -48.61 7.70
C THR B 267 -24.25 -48.71 9.17
N PRO B 268 -23.10 -48.20 9.58
CA PRO B 268 -22.71 -48.29 11.00
C PRO B 268 -23.68 -47.57 11.92
N GLY B 269 -23.69 -48.02 13.19
CA GLY B 269 -24.49 -47.42 14.24
C GLY B 269 -23.77 -46.28 14.95
N PRO B 270 -24.36 -45.81 16.07
CA PRO B 270 -23.81 -44.61 16.74
C PRO B 270 -22.31 -44.63 17.06
N GLU B 271 -21.67 -45.79 17.30
CA GLU B 271 -20.28 -45.71 17.78
C GLU B 271 -19.24 -45.79 16.66
N GLY B 272 -19.66 -45.99 15.40
CA GLY B 272 -18.76 -45.80 14.27
C GLY B 272 -17.89 -46.99 13.90
N VAL B 273 -16.77 -46.68 13.24
CA VAL B 273 -15.92 -47.70 12.64
C VAL B 273 -14.56 -47.84 13.32
N GLY B 274 -14.12 -46.87 14.14
CA GLY B 274 -12.87 -47.02 14.85
C GLY B 274 -11.69 -46.41 14.11
N LEU B 275 -10.58 -46.28 14.83
CA LEU B 275 -9.55 -45.33 14.45
C LEU B 275 -8.76 -45.74 13.19
N GLU B 276 -8.18 -46.95 13.17
CA GLU B 276 -7.26 -47.29 12.08
C GLU B 276 -7.99 -47.45 10.74
N LYS B 277 -9.29 -47.77 10.76
CA LYS B 277 -10.10 -47.81 9.54
C LYS B 277 -10.65 -46.44 9.14
N ALA B 278 -11.08 -45.63 10.11
CA ALA B 278 -11.49 -44.26 9.78
C ALA B 278 -10.32 -43.46 9.25
N LEU B 279 -9.13 -43.67 9.81
CA LEU B 279 -7.93 -43.01 9.29
C LEU B 279 -7.69 -43.41 7.85
N ALA B 280 -7.84 -44.70 7.54
CA ALA B 280 -7.64 -45.18 6.18
C ALA B 280 -8.73 -44.65 5.26
N ASN B 281 -9.98 -44.67 5.74
CA ASN B 281 -11.10 -44.11 4.97
C ASN B 281 -10.89 -42.63 4.65
N TYR B 282 -10.66 -41.82 5.70
CA TYR B 282 -10.39 -40.39 5.55
C TYR B 282 -9.22 -40.13 4.60
N ALA B 283 -8.08 -40.78 4.88
CA ALA B 283 -6.89 -40.60 4.05
C ALA B 283 -7.19 -40.87 2.58
N ASN B 284 -7.96 -41.92 2.28
CA ASN B 284 -8.21 -42.23 0.89
C ASN B 284 -9.23 -41.28 0.26
N TRP B 285 -10.21 -40.79 1.04
CA TRP B 285 -11.15 -39.81 0.51
C TRP B 285 -10.44 -38.52 0.11
N PHE B 286 -9.43 -38.12 0.88
CA PHE B 286 -8.68 -36.93 0.51
C PHE B 286 -7.87 -37.16 -0.75
N ASN B 287 -7.08 -38.25 -0.80
CA ASN B 287 -6.26 -38.54 -1.99
C ASN B 287 -7.09 -38.79 -3.23
N SER B 288 -8.26 -39.41 -3.08
CA SER B 288 -9.09 -39.75 -4.24
C SER B 288 -9.99 -38.60 -4.66
N THR B 289 -10.59 -37.87 -3.73
CA THR B 289 -11.63 -36.91 -4.09
C THR B 289 -11.18 -35.45 -4.06
N ILE B 290 -10.44 -35.03 -3.03
CA ILE B 290 -10.17 -33.62 -2.78
C ILE B 290 -8.91 -33.13 -3.47
N LEU B 291 -7.79 -33.77 -3.15
CA LEU B 291 -6.47 -33.34 -3.61
C LEU B 291 -6.34 -33.15 -5.12
N PRO B 292 -6.84 -34.03 -6.00
CA PRO B 292 -6.66 -33.83 -7.44
C PRO B 292 -7.22 -32.49 -7.91
N ASP B 293 -6.34 -31.70 -8.55
CA ASP B 293 -6.65 -30.41 -9.15
C ASP B 293 -6.88 -29.32 -8.11
N TYR B 294 -6.61 -29.62 -6.84
CA TYR B 294 -6.79 -28.67 -5.76
C TYR B 294 -5.91 -27.45 -5.97
N CYS B 295 -4.59 -27.65 -5.94
CA CYS B 295 -3.68 -26.54 -6.15
C CYS B 295 -3.88 -25.89 -7.51
N ALA B 296 -4.33 -26.66 -8.50
CA ALA B 296 -4.50 -26.09 -9.84
C ALA B 296 -5.63 -25.09 -9.92
N SER B 297 -6.63 -25.19 -9.03
CA SER B 297 -7.77 -24.29 -9.05
C SER B 297 -7.43 -22.90 -8.54
N TYR B 298 -6.21 -22.70 -8.02
CA TYR B 298 -5.68 -21.38 -7.73
C TYR B 298 -5.16 -20.68 -8.97
N GLY B 299 -5.00 -21.40 -10.09
CA GLY B 299 -4.44 -20.83 -11.30
C GLY B 299 -2.94 -20.58 -11.27
N TYR B 300 -2.29 -20.67 -10.11
CA TYR B 300 -0.86 -20.45 -10.06
C TYR B 300 -0.07 -21.70 -10.40
N TRP B 301 -0.73 -22.85 -10.44
CA TRP B 301 -0.09 -24.10 -10.80
C TRP B 301 -0.99 -24.87 -11.74
N THR B 302 -0.36 -25.52 -12.72
CA THR B 302 -1.06 -26.31 -13.71
C THR B 302 -1.13 -27.79 -13.36
N ASP B 303 -0.22 -28.27 -12.49
CA ASP B 303 -0.05 -29.69 -12.16
C ASP B 303 -1.26 -30.26 -11.41
N GLU B 304 -1.80 -31.36 -11.94
CA GLU B 304 -3.02 -31.99 -11.41
C GLU B 304 -2.83 -32.54 -10.00
N TRP B 305 -1.61 -32.96 -9.64
CA TRP B 305 -1.30 -33.48 -8.32
C TRP B 305 -0.37 -32.55 -7.55
N SER B 306 -0.34 -31.27 -7.91
CA SER B 306 0.55 -30.33 -7.25
C SER B 306 0.16 -30.18 -5.78
N VAL B 307 1.14 -29.77 -5.00
CA VAL B 307 1.07 -29.75 -3.54
C VAL B 307 1.77 -28.48 -3.08
N ALA B 308 1.90 -27.51 -3.99
CA ALA B 308 2.55 -26.26 -3.58
C ALA B 308 1.59 -25.36 -2.80
N CYS B 309 0.32 -25.29 -3.22
CA CYS B 309 -0.65 -24.50 -2.47
C CYS B 309 -0.59 -24.77 -0.97
N PHE B 310 -0.31 -26.00 -0.58
CA PHE B 310 -0.42 -26.29 0.84
C PHE B 310 0.74 -25.73 1.68
N ASP B 311 1.76 -25.17 1.04
CA ASP B 311 3.00 -24.78 1.71
C ASP B 311 2.82 -23.36 2.24
N SER B 312 2.41 -23.25 3.50
CA SER B 312 2.21 -21.96 4.11
C SER B 312 3.49 -21.33 4.61
N TYR B 313 4.66 -21.92 4.32
CA TYR B 313 5.90 -21.38 4.81
C TYR B 313 6.77 -20.75 3.74
N ASN B 314 6.43 -20.94 2.47
CA ASN B 314 7.14 -20.33 1.36
C ASN B 314 6.71 -18.86 1.26
N ALA B 315 7.55 -17.95 1.79
CA ALA B 315 7.27 -16.52 1.71
C ALA B 315 7.18 -16.02 0.26
N SER B 316 7.62 -16.80 -0.71
CA SER B 316 7.58 -16.46 -2.13
C SER B 316 6.46 -17.17 -2.87
N SER B 317 5.55 -17.83 -2.15
CA SER B 317 4.44 -18.50 -2.82
C SER B 317 3.53 -17.45 -3.47
N PRO B 318 2.92 -17.76 -4.62
CA PRO B 318 2.02 -16.77 -5.25
C PRO B 318 0.79 -16.48 -4.42
N ILE B 319 0.39 -17.38 -3.51
CA ILE B 319 -0.68 -17.09 -2.58
C ILE B 319 -0.37 -15.88 -1.72
N TYR B 320 0.90 -15.53 -1.53
CA TYR B 320 1.28 -14.38 -0.72
C TYR B 320 1.65 -13.16 -1.52
N THR B 321 2.23 -13.36 -2.70
CA THR B 321 2.89 -12.31 -3.47
C THR B 321 2.05 -11.78 -4.62
N ASP B 322 0.96 -12.46 -4.97
CA ASP B 322 -0.01 -11.93 -5.93
C ASP B 322 -0.78 -10.78 -5.28
N THR B 323 -0.38 -9.53 -5.59
CA THR B 323 -0.95 -8.37 -4.94
C THR B 323 -2.04 -7.69 -5.75
N SER B 324 -2.52 -8.32 -6.82
CA SER B 324 -3.57 -7.80 -7.71
C SER B 324 -4.96 -7.91 -7.07
N VAL B 325 -5.90 -7.10 -7.59
CA VAL B 325 -7.23 -7.04 -6.98
C VAL B 325 -7.97 -8.36 -7.13
N GLY B 326 -7.86 -9.02 -8.29
CA GLY B 326 -8.52 -10.30 -8.45
C GLY B 326 -7.65 -11.50 -8.10
N ASN B 327 -6.81 -11.39 -7.07
CA ASN B 327 -6.00 -12.51 -6.64
C ASN B 327 -6.90 -13.68 -6.28
N ALA B 328 -6.29 -14.84 -6.08
CA ALA B 328 -7.08 -16.05 -5.88
C ALA B 328 -7.33 -16.36 -4.41
N VAL B 329 -6.48 -15.87 -3.51
CA VAL B 329 -6.60 -16.20 -2.10
C VAL B 329 -7.53 -15.25 -1.33
N ASP B 330 -8.01 -14.18 -1.96
CA ASP B 330 -8.81 -13.12 -1.31
C ASP B 330 -8.01 -12.48 -0.16
N ARG B 331 -6.84 -11.94 -0.53
CA ARG B 331 -5.99 -11.26 0.44
C ARG B 331 -6.70 -10.06 1.08
N GLN B 332 -7.68 -9.45 0.40
CA GLN B 332 -8.43 -8.36 1.00
C GLN B 332 -9.11 -8.80 2.30
N TRP B 333 -9.71 -9.99 2.30
CA TRP B 333 -10.35 -10.44 3.53
C TRP B 333 -9.34 -10.75 4.61
N GLU B 334 -8.23 -11.40 4.23
CA GLU B 334 -7.14 -11.65 5.18
C GLU B 334 -6.68 -10.35 5.82
N TRP B 335 -6.74 -9.24 5.06
CA TRP B 335 -6.42 -7.95 5.64
C TRP B 335 -7.41 -7.57 6.75
N PHE B 336 -8.71 -7.73 6.50
CA PHE B 336 -9.65 -7.54 7.60
C PHE B 336 -9.27 -8.40 8.80
N LEU B 337 -8.91 -9.68 8.56
CA LEU B 337 -8.56 -10.55 9.69
C LEU B 337 -7.26 -10.09 10.40
N CYS B 338 -6.21 -9.70 9.65
CA CYS B 338 -4.95 -9.36 10.32
C CYS B 338 -4.88 -7.89 10.78
N ASN B 339 -5.65 -6.98 10.18
CA ASN B 339 -5.49 -5.55 10.43
C ASN B 339 -6.60 -4.93 11.27
N GLU B 340 -7.86 -5.28 11.01
CA GLU B 340 -8.96 -4.61 11.71
C GLU B 340 -8.82 -4.68 13.23
N PRO B 341 -8.50 -5.83 13.85
CA PRO B 341 -8.39 -7.19 13.33
C PRO B 341 -9.57 -8.09 13.73
N PHE B 342 -10.15 -8.79 12.76
CA PHE B 342 -11.19 -9.76 13.07
C PHE B 342 -10.62 -11.08 13.57
N PHE B 343 -9.49 -11.52 13.00
CA PHE B 343 -8.93 -12.87 13.21
C PHE B 343 -9.87 -13.95 12.72
N TYR B 344 -10.86 -14.33 13.55
CA TYR B 344 -11.76 -15.45 13.27
C TYR B 344 -10.99 -16.74 12.94
N TRP B 345 -9.84 -16.94 13.60
CA TRP B 345 -8.97 -18.05 13.24
C TRP B 345 -9.66 -19.39 13.50
N GLN B 346 -9.69 -20.25 12.49
CA GLN B 346 -10.48 -21.47 12.53
C GLN B 346 -9.61 -22.66 12.97
N ASP B 347 -9.80 -23.09 14.22
CA ASP B 347 -8.84 -23.89 14.96
C ASP B 347 -9.48 -25.10 15.65
N GLY B 348 -8.62 -26.05 16.02
CA GLY B 348 -9.03 -27.12 16.90
C GLY B 348 -9.34 -26.61 18.28
N ALA B 349 -10.22 -27.35 18.98
CA ALA B 349 -10.74 -26.94 20.27
C ALA B 349 -9.67 -26.93 21.37
N PRO B 350 -9.91 -26.22 22.49
CA PRO B 350 -8.92 -26.26 23.58
C PRO B 350 -8.76 -27.64 24.21
N GLU B 351 -7.84 -27.77 25.16
CA GLU B 351 -7.45 -29.10 25.60
C GLU B 351 -8.57 -29.77 26.37
N GLY B 352 -9.33 -28.99 27.16
CA GLY B 352 -10.40 -29.60 27.93
C GLY B 352 -11.54 -30.20 27.12
N THR B 353 -11.73 -29.77 25.86
CA THR B 353 -13.01 -29.87 25.17
C THR B 353 -12.92 -30.67 23.88
N SER B 354 -14.01 -31.37 23.53
CA SER B 354 -14.00 -32.27 22.37
C SER B 354 -13.88 -31.52 21.06
N THR B 355 -13.19 -32.13 20.10
CA THR B 355 -12.82 -31.44 18.87
C THR B 355 -12.92 -32.35 17.66
N ILE B 356 -13.25 -31.76 16.50
CA ILE B 356 -13.26 -32.49 15.24
C ILE B 356 -12.16 -32.05 14.30
N VAL B 357 -11.22 -31.22 14.77
CA VAL B 357 -10.15 -30.71 13.91
C VAL B 357 -8.83 -30.80 14.66
N PRO B 358 -7.70 -31.09 14.01
CA PRO B 358 -6.43 -31.20 14.75
C PRO B 358 -6.11 -29.97 15.59
N ARG B 359 -5.69 -30.21 16.84
CA ARG B 359 -5.30 -29.09 17.70
C ARG B 359 -4.05 -28.38 17.18
N LEU B 360 -3.28 -29.02 16.29
CA LEU B 360 -2.13 -28.36 15.67
C LEU B 360 -2.56 -27.16 14.83
N VAL B 361 -3.70 -27.28 14.14
CA VAL B 361 -4.32 -26.16 13.43
C VAL B 361 -4.71 -25.15 14.51
N SER B 362 -3.80 -24.24 14.82
CA SER B 362 -3.93 -23.42 16.01
C SER B 362 -4.02 -21.95 15.60
N ALA B 363 -4.40 -21.12 16.56
CA ALA B 363 -4.39 -19.68 16.30
C ALA B 363 -3.02 -19.24 15.80
N SER B 364 -1.96 -19.72 16.44
CA SER B 364 -0.61 -19.32 16.03
C SER B 364 -0.32 -19.77 14.60
N TYR B 365 -0.80 -20.95 14.23
CA TYR B 365 -0.58 -21.42 12.86
C TYR B 365 -1.02 -20.37 11.85
N TRP B 366 -2.18 -19.77 12.07
CA TRP B 366 -2.70 -18.80 11.12
C TRP B 366 -2.02 -17.44 11.28
N GLN B 367 -1.92 -16.96 12.54
CA GLN B 367 -1.31 -15.65 12.78
C GLN B 367 0.07 -15.52 12.13
N ARG B 368 0.86 -16.59 12.17
CA ARG B 368 2.18 -16.59 11.54
C ARG B 368 2.13 -16.14 10.09
N GLN B 369 1.01 -16.38 9.40
CA GLN B 369 0.90 -16.11 7.97
C GLN B 369 0.64 -14.65 7.65
N CYS B 370 0.34 -13.82 8.65
CA CYS B 370 -0.06 -12.44 8.32
C CYS B 370 1.10 -11.63 7.76
N PRO B 371 2.32 -11.66 8.34
CA PRO B 371 3.42 -10.88 7.76
C PRO B 371 3.93 -11.42 6.43
N LEU B 372 3.53 -12.63 6.06
CA LEU B 372 3.88 -13.14 4.75
C LEU B 372 2.91 -12.63 3.70
N TYR B 373 1.60 -12.63 4.03
CA TYR B 373 0.62 -11.95 3.21
C TYR B 373 0.96 -10.47 3.07
N PHE B 374 1.38 -9.82 4.13
CA PHE B 374 1.54 -8.38 4.16
C PHE B 374 2.89 -8.05 4.77
N PRO B 375 3.97 -8.23 4.02
CA PRO B 375 5.28 -7.80 4.51
C PRO B 375 5.28 -6.30 4.74
N GLU B 376 6.14 -5.86 5.64
CA GLU B 376 6.27 -4.43 5.87
C GLU B 376 6.61 -3.76 4.53
N THR B 377 5.80 -2.77 4.12
CA THR B 377 6.02 -2.06 2.86
C THR B 377 6.21 -0.58 3.16
N ASN B 378 7.43 -0.09 2.94
CA ASN B 378 7.76 1.32 3.15
C ASN B 378 7.13 1.88 4.43
N GLY B 379 7.45 1.22 5.54
CA GLY B 379 7.10 1.70 6.85
C GLY B 379 5.80 1.18 7.42
N TYR B 380 4.87 0.73 6.56
CA TYR B 380 3.54 0.29 6.98
C TYR B 380 3.49 -1.18 7.31
N THR B 381 2.74 -1.54 8.36
CA THR B 381 2.32 -2.95 8.52
C THR B 381 0.82 -3.05 8.76
N TYR B 382 0.43 -4.27 9.11
CA TYR B 382 -0.91 -4.64 9.50
C TYR B 382 -1.14 -4.41 10.99
N GLY B 383 -2.41 -4.19 11.34
CA GLY B 383 -2.73 -3.68 12.67
C GLY B 383 -2.40 -4.62 13.81
N SER B 384 -2.54 -5.93 13.60
CA SER B 384 -2.30 -6.84 14.73
C SER B 384 -0.83 -6.95 15.09
N ALA B 385 0.06 -6.32 14.33
CA ALA B 385 1.45 -6.19 14.72
C ALA B 385 1.71 -4.96 15.57
N LYS B 386 0.89 -3.90 15.40
CA LYS B 386 0.99 -2.68 16.18
C LYS B 386 0.21 -2.75 17.50
N GLY B 387 -0.13 -3.95 17.97
CA GLY B 387 -0.79 -4.06 19.26
C GLY B 387 -2.31 -4.18 19.27
N LYS B 388 -2.98 -4.06 18.13
CA LYS B 388 -4.43 -4.24 18.10
C LYS B 388 -4.75 -5.71 18.30
N ASN B 389 -5.93 -5.96 18.88
CA ASN B 389 -6.45 -7.31 19.09
C ASN B 389 -7.98 -7.22 18.94
N ALA B 390 -8.68 -8.29 19.32
CA ALA B 390 -10.13 -8.33 19.09
C ALA B 390 -10.88 -7.29 19.93
N ALA B 391 -10.36 -6.94 21.11
CA ALA B 391 -11.02 -5.92 21.93
C ALA B 391 -10.94 -4.54 21.28
N THR B 392 -9.96 -4.33 20.40
CA THR B 392 -9.91 -3.10 19.63
C THR B 392 -11.20 -2.91 18.83
N VAL B 393 -11.77 -4.00 18.33
CA VAL B 393 -12.97 -3.90 17.51
C VAL B 393 -14.23 -3.98 18.36
N ASN B 394 -14.29 -4.93 19.29
CA ASN B 394 -15.50 -5.14 20.08
C ASN B 394 -15.80 -3.96 21.01
N SER B 395 -14.77 -3.35 21.60
CA SER B 395 -15.00 -2.11 22.35
C SER B 395 -15.67 -1.05 21.48
N TRP B 396 -15.36 -1.02 20.18
CA TRP B 396 -15.86 0.02 19.30
C TRP B 396 -17.26 -0.34 18.77
N THR B 397 -17.41 -1.52 18.18
CA THR B 397 -18.71 -1.97 17.68
C THR B 397 -19.67 -2.32 18.81
N GLY B 398 -19.15 -2.72 19.97
CA GLY B 398 -19.98 -3.32 20.98
C GLY B 398 -20.03 -4.82 20.88
N GLY B 399 -19.60 -5.38 19.75
CA GLY B 399 -19.56 -6.83 19.58
C GLY B 399 -20.88 -7.46 19.95
N TRP B 400 -20.78 -8.55 20.72
CA TRP B 400 -21.92 -9.28 21.26
C TRP B 400 -22.98 -8.38 21.87
N ASP B 401 -22.55 -7.31 22.53
CA ASP B 401 -23.43 -6.50 23.35
C ASP B 401 -23.99 -5.28 22.63
N MET B 402 -23.86 -5.21 21.31
CA MET B 402 -24.56 -4.13 20.62
C MET B 402 -26.07 -4.35 20.66
N THR B 403 -26.47 -5.51 21.14
CA THR B 403 -27.83 -5.97 21.28
C THR B 403 -28.61 -5.21 22.35
N ARG B 404 -27.94 -4.39 23.15
CA ARG B 404 -28.58 -3.75 24.31
C ARG B 404 -29.51 -2.60 23.91
N ASN B 405 -29.16 -1.81 22.89
CA ASN B 405 -30.05 -0.80 22.34
C ASN B 405 -30.16 -1.01 20.84
N THR B 406 -31.30 -1.46 20.39
CA THR B 406 -31.57 -1.73 19.00
C THR B 406 -32.82 -0.98 18.60
N THR B 407 -32.81 -0.46 17.39
CA THR B 407 -34.00 0.14 16.81
C THR B 407 -34.14 -0.37 15.39
N ARG B 408 -35.19 -1.14 15.16
CA ARG B 408 -35.54 -1.60 13.82
C ARG B 408 -34.43 -2.43 13.19
N LEU B 409 -33.87 -3.38 13.95
CA LEU B 409 -32.88 -4.31 13.43
C LEU B 409 -33.31 -5.72 13.83
N ILE B 410 -33.36 -6.63 12.86
CA ILE B 410 -33.83 -7.99 13.07
C ILE B 410 -32.71 -8.99 12.78
N TRP B 411 -32.62 -10.04 13.60
CA TRP B 411 -31.56 -11.03 13.49
C TRP B 411 -32.11 -12.36 13.01
N THR B 412 -31.32 -13.04 12.20
CA THR B 412 -31.51 -14.44 11.83
C THR B 412 -30.18 -15.13 12.07
N ASN B 413 -30.22 -16.35 12.62
CA ASN B 413 -29.04 -17.20 12.61
C ASN B 413 -29.47 -18.61 12.28
N GLY B 414 -28.49 -19.48 12.10
CA GLY B 414 -28.72 -20.87 11.74
C GLY B 414 -28.28 -21.81 12.87
N GLN B 415 -29.10 -22.83 13.15
CA GLN B 415 -28.81 -23.69 14.28
C GLN B 415 -27.43 -24.32 14.16
N TYR B 416 -27.07 -24.81 12.97
CA TYR B 416 -25.82 -25.53 12.77
C TYR B 416 -24.86 -24.74 11.87
N ASP B 417 -25.03 -23.43 11.84
CA ASP B 417 -24.20 -22.51 11.07
C ASP B 417 -22.80 -22.37 11.68
N PRO B 418 -21.72 -22.65 10.93
CA PRO B 418 -20.38 -22.54 11.50
C PRO B 418 -20.04 -21.15 12.01
N TRP B 419 -20.78 -20.13 11.59
CA TRP B 419 -20.60 -18.77 12.07
C TRP B 419 -21.55 -18.40 13.18
N ARG B 420 -22.38 -19.35 13.64
CA ARG B 420 -23.32 -19.08 14.71
C ARG B 420 -22.64 -18.48 15.92
N ASP B 421 -21.52 -19.05 16.34
CA ASP B 421 -21.04 -18.77 17.68
C ASP B 421 -20.23 -17.49 17.77
N SER B 422 -20.08 -16.76 16.68
CA SER B 422 -19.56 -15.40 16.74
C SER B 422 -20.64 -14.34 16.64
N GLY B 423 -21.90 -14.74 16.46
CA GLY B 423 -23.00 -13.81 16.38
C GLY B 423 -23.81 -13.77 17.67
N VAL B 424 -24.95 -13.09 17.60
CA VAL B 424 -25.71 -12.83 18.81
C VAL B 424 -26.46 -14.07 19.32
N SER B 425 -26.60 -15.12 18.52
CA SER B 425 -27.30 -16.32 18.97
C SER B 425 -26.34 -17.41 19.43
N SER B 426 -25.13 -17.01 19.82
CA SER B 426 -24.05 -17.90 20.18
C SER B 426 -24.27 -18.52 21.56
N THR B 427 -23.81 -19.76 21.71
CA THR B 427 -23.94 -20.46 22.99
C THR B 427 -22.96 -19.93 24.03
N PHE B 428 -21.88 -19.28 23.58
CA PHE B 428 -20.81 -18.83 24.45
C PHE B 428 -20.91 -17.36 24.79
N ARG B 429 -21.77 -16.63 24.12
CA ARG B 429 -22.00 -15.25 24.45
C ARG B 429 -22.50 -15.17 25.90
N PRO B 430 -22.14 -14.12 26.64
CA PRO B 430 -22.56 -13.99 28.05
C PRO B 430 -24.08 -13.91 28.20
N GLY B 431 -24.62 -14.83 28.99
CA GLY B 431 -26.06 -14.90 29.16
C GLY B 431 -26.75 -15.80 28.17
N GLY B 432 -26.01 -16.39 27.24
CA GLY B 432 -26.55 -17.27 26.23
C GLY B 432 -27.07 -16.57 24.99
N PRO B 433 -27.70 -17.33 24.11
CA PRO B 433 -28.29 -16.74 22.90
C PRO B 433 -29.28 -15.65 23.27
N LEU B 434 -29.12 -14.50 22.62
CA LEU B 434 -30.07 -13.41 22.69
C LEU B 434 -31.49 -13.94 22.60
N ALA B 435 -32.34 -13.51 23.53
CA ALA B 435 -33.77 -13.81 23.49
C ALA B 435 -34.51 -12.75 22.67
N SER B 436 -35.46 -13.19 21.86
CA SER B 436 -36.17 -12.25 20.98
C SER B 436 -37.12 -11.33 21.76
N THR B 437 -37.26 -10.10 21.27
CA THR B 437 -38.16 -9.10 21.85
C THR B 437 -38.89 -8.39 20.71
N ALA B 438 -39.95 -7.65 21.06
CA ALA B 438 -40.67 -6.91 20.03
C ALA B 438 -39.76 -5.87 19.37
N ASN B 439 -39.00 -5.12 20.17
CA ASN B 439 -38.16 -4.08 19.57
C ASN B 439 -36.99 -4.69 18.83
N GLU B 440 -36.58 -5.89 19.21
CA GLU B 440 -35.40 -6.55 18.64
C GLU B 440 -35.69 -8.01 18.36
N PRO B 441 -36.35 -8.31 17.25
CA PRO B 441 -36.63 -9.72 16.95
C PRO B 441 -35.40 -10.47 16.48
N VAL B 442 -35.33 -11.74 16.85
CA VAL B 442 -34.30 -12.65 16.38
C VAL B 442 -34.93 -14.03 16.27
N GLN B 443 -34.61 -14.77 15.20
CA GLN B 443 -35.04 -16.16 15.13
C GLN B 443 -33.92 -17.04 14.59
N ILE B 444 -33.90 -18.29 15.08
CA ILE B 444 -32.94 -19.30 14.65
C ILE B 444 -33.66 -20.28 13.74
N ILE B 445 -33.06 -20.56 12.59
CA ILE B 445 -33.63 -21.51 11.63
C ILE B 445 -33.31 -22.91 12.13
N PRO B 446 -34.31 -23.68 12.57
CA PRO B 446 -34.05 -25.06 13.04
C PRO B 446 -33.30 -25.90 12.01
N GLY B 447 -32.14 -26.43 12.41
CA GLY B 447 -31.29 -27.16 11.50
C GLY B 447 -30.62 -26.33 10.42
N GLY B 448 -30.65 -25.01 10.54
CA GLY B 448 -30.17 -24.16 9.46
C GLY B 448 -28.64 -24.09 9.33
N PHE B 449 -28.20 -23.71 8.14
CA PHE B 449 -26.79 -23.59 7.81
C PHE B 449 -26.39 -22.11 7.75
N HIS B 450 -25.42 -21.78 6.90
CA HIS B 450 -25.00 -20.41 6.72
C HIS B 450 -25.97 -19.65 5.81
N CYS B 451 -26.46 -18.51 6.31
CA CYS B 451 -27.47 -17.68 5.67
C CYS B 451 -28.52 -18.51 4.93
N SER B 452 -29.18 -19.46 5.59
CA SER B 452 -30.05 -20.35 4.84
C SER B 452 -31.37 -19.71 4.53
N ASP B 453 -31.51 -18.40 4.78
CA ASP B 453 -32.75 -17.70 4.47
C ASP B 453 -32.55 -16.65 3.40
N LEU B 454 -31.37 -16.57 2.78
CA LEU B 454 -31.18 -15.58 1.73
C LEU B 454 -31.64 -16.08 0.36
N TYR B 455 -31.60 -17.40 0.13
CA TYR B 455 -31.99 -18.00 -1.15
C TYR B 455 -33.42 -18.53 -1.10
N MET B 456 -34.23 -18.15 -2.08
CA MET B 456 -35.63 -18.57 -2.07
C MET B 456 -35.80 -20.05 -2.39
N ALA B 457 -34.83 -20.66 -3.08
CA ALA B 457 -34.81 -22.12 -3.17
C ALA B 457 -34.95 -22.77 -1.80
N ASP B 458 -34.43 -22.11 -0.74
CA ASP B 458 -34.56 -22.58 0.63
C ASP B 458 -35.95 -22.35 1.22
N TYR B 459 -36.64 -21.29 0.80
CA TYR B 459 -38.01 -21.06 1.26
C TYR B 459 -38.92 -22.24 0.92
N TYR B 460 -38.79 -22.76 -0.31
CA TYR B 460 -39.68 -23.82 -0.79
C TYR B 460 -39.21 -25.21 -0.35
N ALA B 461 -37.91 -25.44 -0.21
CA ALA B 461 -37.39 -26.75 0.17
C ALA B 461 -37.54 -27.07 1.67
N ASN B 462 -37.69 -26.08 2.54
CA ASN B 462 -37.75 -26.35 3.97
C ASN B 462 -38.85 -25.50 4.59
N GLU B 463 -39.77 -26.13 5.31
CA GLU B 463 -40.87 -25.34 5.86
C GLU B 463 -40.40 -24.50 7.05
N GLY B 464 -39.27 -24.84 7.64
CA GLY B 464 -38.76 -24.04 8.75
C GLY B 464 -38.26 -22.69 8.29
N VAL B 465 -37.52 -22.67 7.19
CA VAL B 465 -37.14 -21.40 6.58
C VAL B 465 -38.38 -20.61 6.22
N LYS B 466 -39.38 -21.28 5.64
CA LYS B 466 -40.61 -20.60 5.23
C LYS B 466 -41.21 -19.83 6.39
N LYS B 467 -41.29 -20.47 7.55
CA LYS B 467 -41.73 -19.80 8.78
C LYS B 467 -40.89 -18.55 9.06
N VAL B 468 -39.56 -18.69 9.01
CA VAL B 468 -38.64 -17.61 9.37
C VAL B 468 -38.69 -16.47 8.35
N VAL B 469 -38.76 -16.80 7.04
CA VAL B 469 -38.86 -15.75 6.02
C VAL B 469 -40.21 -15.08 6.09
N ASP B 470 -41.27 -15.84 6.36
CA ASP B 470 -42.58 -15.22 6.49
C ASP B 470 -42.61 -14.23 7.63
N ASN B 471 -41.93 -14.58 8.75
CA ASN B 471 -41.93 -13.71 9.93
C ASN B 471 -41.12 -12.43 9.69
N GLU B 472 -39.90 -12.58 9.12
CA GLU B 472 -39.04 -11.42 8.97
C GLU B 472 -39.50 -10.51 7.84
N VAL B 473 -40.07 -11.07 6.77
CA VAL B 473 -40.60 -10.19 5.72
C VAL B 473 -41.70 -9.30 6.28
N LYS B 474 -42.57 -9.83 7.14
CA LYS B 474 -43.63 -9.00 7.72
C LYS B 474 -43.06 -7.96 8.67
N GLN B 475 -41.98 -8.29 9.38
CA GLN B 475 -41.41 -7.34 10.32
C GLN B 475 -40.83 -6.15 9.60
N ILE B 476 -40.17 -6.40 8.46
CA ILE B 476 -39.65 -5.32 7.66
C ILE B 476 -40.78 -4.55 6.99
N LYS B 477 -41.84 -5.26 6.58
CA LYS B 477 -42.96 -4.56 5.97
C LYS B 477 -43.62 -3.62 6.97
N GLU B 478 -43.88 -4.13 8.19
CA GLU B 478 -44.44 -3.31 9.25
C GLU B 478 -43.54 -2.14 9.65
N TRP B 479 -42.21 -2.33 9.62
CA TRP B 479 -41.32 -1.26 10.05
C TRP B 479 -41.25 -0.15 8.99
N VAL B 480 -41.26 -0.53 7.72
CA VAL B 480 -41.22 0.47 6.66
C VAL B 480 -42.53 1.27 6.65
N GLU B 481 -43.64 0.62 6.99
CA GLU B 481 -44.91 1.33 7.15
C GLU B 481 -44.81 2.45 8.17
N GLU B 482 -44.10 2.22 9.28
CA GLU B 482 -43.99 3.23 10.31
C GLU B 482 -43.32 4.53 9.83
N TYR B 483 -42.65 4.51 8.69
CA TYR B 483 -42.02 5.72 8.17
C TYR B 483 -43.02 6.72 7.60
N TYR B 484 -44.26 6.30 7.36
CA TYR B 484 -45.24 7.14 6.68
C TYR B 484 -46.50 7.41 7.53
#